data_4LK5
#
_entry.id   4LK5
#
_cell.length_a   78.328
_cell.length_b   78.328
_cell.length_c   212.933
_cell.angle_alpha   90.00
_cell.angle_beta   90.00
_cell.angle_gamma   120.00
#
_symmetry.space_group_name_H-M   'P 32 2 1'
#
loop_
_entity.id
_entity.type
_entity.pdbx_description
1 polymer 'enoyl-CoA hydratase'
2 water water
#
_entity_poly.entity_id   1
_entity_poly.type   'polypeptide(L)'
_entity_poly.pdbx_seq_one_letter_code
;(MSE)HHHHHHSSGVDLGTENLYFQS(MSE)PSSAIATLAPVAGLDVTLSDGVFSVTINRPDSLNSLTVPVITGIADA
(MSE)EYAATDPEVKVVRIGGAGRGFSSGAGISADDVSDGGGVPPDEIILEINRLVRAIAALPHPVVAVVQGPAAGVGVS
IALACDVVLASENAFF(MSE)LAFTKIGL(MSE)PDGGASALVAAAVGRIRA(MSE)Q(MSE)ALLPERLPAAEALAWGL
VTAVYPADEFEAEVDKVIARLLSGPAVAFAKTKLAINAATLTELDPALQREFDGQSVLLKSPDFVEGATAFQQRRTPNFT
DR
;
_entity_poly.pdbx_strand_id   A,B,C
#
# COMPACT_ATOMS: atom_id res chain seq x y z
N LEU A 31 18.26 -31.53 -13.31
CA LEU A 31 18.38 -30.69 -12.06
C LEU A 31 19.03 -31.46 -10.89
N ALA A 32 20.02 -30.86 -10.24
CA ALA A 32 20.82 -31.53 -9.18
C ALA A 32 20.06 -31.67 -7.86
N PRO A 33 20.14 -32.85 -7.20
CA PRO A 33 19.41 -33.05 -5.94
C PRO A 33 20.18 -32.52 -4.74
N VAL A 34 19.44 -32.06 -3.72
CA VAL A 34 20.00 -31.36 -2.57
C VAL A 34 19.41 -31.79 -1.21
N ALA A 35 20.30 -32.13 -0.29
CA ALA A 35 19.89 -32.73 0.97
C ALA A 35 19.17 -31.72 1.87
N GLY A 36 18.00 -32.12 2.38
CA GLY A 36 17.13 -31.21 3.12
C GLY A 36 16.14 -30.46 2.24
N LEU A 37 15.99 -30.92 0.99
CA LEU A 37 15.12 -30.25 0.05
C LEU A 37 14.53 -31.20 -0.97
N ASP A 38 13.20 -31.30 -0.98
CA ASP A 38 12.50 -32.15 -1.93
C ASP A 38 11.85 -31.29 -3.00
N VAL A 39 12.20 -31.60 -4.26
CA VAL A 39 11.71 -30.91 -5.46
C VAL A 39 11.04 -31.92 -6.39
N THR A 40 9.72 -31.78 -6.59
CA THR A 40 8.97 -32.67 -7.47
C THR A 40 8.09 -31.92 -8.42
N LEU A 41 7.93 -32.47 -9.62
CA LEU A 41 6.98 -31.97 -10.61
C LEU A 41 5.93 -33.06 -10.90
N SER A 42 4.67 -32.78 -10.56
CA SER A 42 3.56 -33.67 -10.79
C SER A 42 2.34 -32.87 -11.29
N ASP A 43 1.83 -33.28 -12.46
CA ASP A 43 0.61 -32.73 -13.07
C ASP A 43 0.63 -31.19 -13.14
N GLY A 44 1.78 -30.66 -13.56
CA GLY A 44 2.02 -29.21 -13.73
C GLY A 44 2.27 -28.41 -12.46
N VAL A 45 2.48 -29.10 -11.34
CA VAL A 45 2.65 -28.46 -10.06
C VAL A 45 4.09 -28.68 -9.63
N PHE A 46 4.88 -27.61 -9.71
CA PHE A 46 6.28 -27.65 -9.39
C PHE A 46 6.36 -27.37 -7.92
N SER A 47 6.89 -28.33 -7.20
CA SER A 47 6.75 -28.29 -5.79
C SER A 47 8.13 -28.38 -5.13
N VAL A 48 8.33 -27.53 -4.14
CA VAL A 48 9.64 -27.34 -3.60
C VAL A 48 9.38 -27.28 -2.14
N THR A 49 9.93 -28.24 -1.41
CA THR A 49 9.62 -28.39 -0.01
C THR A 49 10.91 -28.48 0.78
N ILE A 50 11.00 -27.68 1.83
CA ILE A 50 12.24 -27.65 2.59
C ILE A 50 11.97 -28.65 3.72
N ASN A 51 12.91 -29.56 3.94
CA ASN A 51 12.64 -30.71 4.79
C ASN A 51 13.73 -30.93 5.80
N ARG A 52 13.86 -30.00 6.73
CA ARG A 52 14.83 -30.12 7.77
C ARG A 52 14.04 -29.94 9.02
N PRO A 53 13.10 -30.88 9.26
CA PRO A 53 12.08 -30.67 10.28
C PRO A 53 12.67 -30.66 11.68
N ASP A 54 13.92 -31.11 11.83
CA ASP A 54 14.61 -31.09 13.13
C ASP A 54 15.21 -29.73 13.46
N SER A 55 15.51 -28.96 12.41
CA SER A 55 16.06 -27.61 12.51
C SER A 55 14.95 -26.58 12.38
N LEU A 56 13.69 -27.04 12.45
CA LEU A 56 12.49 -26.23 12.11
C LEU A 56 12.53 -25.60 10.70
N ASN A 57 13.20 -26.29 9.78
CA ASN A 57 13.37 -25.83 8.40
C ASN A 57 14.21 -24.54 8.27
N SER A 58 15.29 -24.49 9.03
CA SER A 58 16.24 -23.41 8.95
C SER A 58 16.97 -23.63 7.65
N LEU A 59 17.57 -22.56 7.12
CA LEU A 59 18.14 -22.60 5.79
C LEU A 59 19.64 -22.42 5.80
N THR A 60 20.31 -23.25 5.01
CA THR A 60 21.75 -23.19 4.88
C THR A 60 22.07 -22.83 3.45
N VAL A 61 23.28 -22.32 3.24
CA VAL A 61 23.71 -21.89 1.91
C VAL A 61 23.37 -22.89 0.83
N PRO A 62 23.68 -24.19 1.05
CA PRO A 62 23.41 -25.11 -0.07
C PRO A 62 21.91 -25.35 -0.31
N VAL A 63 21.10 -25.21 0.73
CA VAL A 63 19.64 -25.23 0.56
C VAL A 63 19.15 -23.97 -0.18
N ILE A 64 19.58 -22.80 0.30
CA ILE A 64 19.15 -21.55 -0.33
C ILE A 64 19.44 -21.65 -1.81
N THR A 65 20.60 -22.27 -2.11
CA THR A 65 21.13 -22.42 -3.47
C THR A 65 20.31 -23.34 -4.32
N GLY A 66 19.83 -24.44 -3.73
CA GLY A 66 18.98 -25.39 -4.47
C GLY A 66 17.61 -24.79 -4.75
N ILE A 67 17.10 -24.02 -3.81
CA ILE A 67 15.82 -23.33 -4.00
C ILE A 67 15.95 -22.37 -5.16
N ALA A 68 16.98 -21.53 -5.08
CA ALA A 68 17.25 -20.61 -6.19
C ALA A 68 17.33 -21.36 -7.51
N ASP A 69 18.11 -22.44 -7.54
CA ASP A 69 18.27 -23.23 -8.79
C ASP A 69 16.95 -23.76 -9.33
N ALA A 70 16.11 -24.20 -8.41
CA ALA A 70 14.88 -24.85 -8.77
C ALA A 70 13.88 -23.85 -9.34
N MSE A 71 13.85 -22.67 -8.72
CA MSE A 71 12.97 -21.60 -9.17
C MSE A 71 13.39 -21.17 -10.55
O MSE A 71 12.54 -20.96 -11.41
CB MSE A 71 13.01 -20.41 -8.21
CG MSE A 71 12.48 -20.79 -6.83
SE MSE A 71 10.57 -21.24 -6.96
CE MSE A 71 9.94 -21.80 -5.18
N GLU A 72 14.70 -21.02 -10.76
CA GLU A 72 15.27 -20.60 -12.06
C GLU A 72 14.98 -21.64 -13.12
N TYR A 73 15.11 -22.91 -12.70
CA TYR A 73 14.71 -24.02 -13.52
C TYR A 73 13.24 -23.96 -13.87
N ALA A 74 12.40 -23.82 -12.85
CA ALA A 74 10.95 -23.79 -13.11
C ALA A 74 10.52 -22.78 -14.17
N ALA A 75 11.23 -21.67 -14.29
CA ALA A 75 10.86 -20.68 -15.28
C ALA A 75 11.05 -21.18 -16.73
N THR A 76 11.91 -22.19 -16.93
CA THR A 76 12.32 -22.70 -18.28
C THR A 76 11.58 -23.94 -18.79
N ASP A 77 10.75 -24.52 -17.95
CA ASP A 77 10.20 -25.83 -18.23
C ASP A 77 8.74 -25.70 -18.61
N PRO A 78 8.40 -25.89 -19.89
CA PRO A 78 7.02 -25.72 -20.34
C PRO A 78 6.02 -26.67 -19.69
N GLU A 79 6.50 -27.68 -18.97
CA GLU A 79 5.61 -28.52 -18.16
C GLU A 79 5.09 -27.80 -16.88
N VAL A 80 5.71 -26.69 -16.46
CA VAL A 80 5.25 -26.01 -15.23
C VAL A 80 4.07 -25.06 -15.45
N LYS A 81 3.09 -25.15 -14.56
CA LYS A 81 1.94 -24.29 -14.58
C LYS A 81 1.74 -23.53 -13.26
N VAL A 82 2.08 -24.16 -12.15
CA VAL A 82 1.92 -23.57 -10.83
C VAL A 82 3.07 -24.02 -9.95
N VAL A 83 3.57 -23.12 -9.11
CA VAL A 83 4.63 -23.47 -8.20
C VAL A 83 4.15 -23.40 -6.77
N ARG A 84 4.75 -24.24 -5.93
CA ARG A 84 4.43 -24.24 -4.56
C ARG A 84 5.70 -24.47 -3.75
N ILE A 85 5.86 -23.65 -2.71
CA ILE A 85 6.98 -23.79 -1.80
C ILE A 85 6.40 -23.91 -0.42
N GLY A 86 6.97 -24.83 0.36
CA GLY A 86 6.47 -25.09 1.70
C GLY A 86 7.50 -25.80 2.55
N GLY A 87 7.09 -26.17 3.75
CA GLY A 87 7.98 -26.82 4.69
C GLY A 87 7.32 -28.01 5.36
N ALA A 88 8.10 -29.06 5.57
CA ALA A 88 7.59 -30.24 6.24
C ALA A 88 7.71 -30.04 7.73
N GLY A 89 6.84 -30.71 8.47
CA GLY A 89 6.89 -30.64 9.92
C GLY A 89 6.01 -29.54 10.44
N ARG A 90 6.42 -28.97 11.57
CA ARG A 90 5.60 -28.04 12.35
C ARG A 90 5.65 -26.61 11.84
N GLY A 91 6.69 -26.26 11.07
CA GLY A 91 6.98 -24.86 10.74
C GLY A 91 7.48 -24.67 9.32
N PHE A 92 7.16 -23.52 8.73
CA PHE A 92 7.52 -23.22 7.32
C PHE A 92 9.05 -23.03 7.21
N SER A 93 9.61 -22.10 7.97
CA SER A 93 11.05 -21.97 8.06
C SER A 93 11.42 -21.02 9.15
N SER A 94 12.44 -21.39 9.91
CA SER A 94 12.95 -20.55 10.99
C SER A 94 13.88 -19.46 10.47
N GLY A 95 14.20 -19.48 9.17
CA GLY A 95 15.07 -18.46 8.58
C GLY A 95 16.44 -19.04 8.31
N ALA A 96 17.41 -18.19 7.99
CA ALA A 96 18.77 -18.66 7.70
C ALA A 96 19.34 -19.27 8.96
N GLY A 97 20.07 -20.38 8.77
CA GLY A 97 20.71 -21.14 9.83
C GLY A 97 21.63 -20.27 10.68
N ILE A 98 21.09 -19.87 11.84
CA ILE A 98 21.78 -19.12 12.92
C ILE A 98 22.98 -19.86 13.55
N SER A 99 23.06 -21.18 13.37
CA SER A 99 24.23 -21.98 13.80
C SER A 99 25.35 -22.03 12.72
N PRO A 110 32.28 -18.23 3.09
CA PRO A 110 32.41 -16.76 3.09
C PRO A 110 31.07 -16.06 3.25
N PRO A 111 31.04 -14.94 4.00
CA PRO A 111 29.77 -14.36 4.53
C PRO A 111 28.84 -13.70 3.51
N ASP A 112 29.38 -12.94 2.57
CA ASP A 112 28.58 -12.36 1.49
C ASP A 112 27.76 -13.42 0.71
N GLU A 113 28.24 -14.66 0.62
CA GLU A 113 27.58 -15.62 -0.24
C GLU A 113 26.14 -15.88 0.15
N ILE A 114 25.83 -15.97 1.45
CA ILE A 114 24.45 -16.29 1.84
C ILE A 114 23.52 -15.19 1.33
N ILE A 115 23.93 -13.95 1.51
CA ILE A 115 23.13 -12.84 1.06
C ILE A 115 22.96 -12.89 -0.48
N LEU A 116 24.02 -13.17 -1.20
CA LEU A 116 23.86 -13.26 -2.66
C LEU A 116 22.93 -14.36 -3.12
N GLU A 117 22.90 -15.49 -2.46
CA GLU A 117 22.01 -16.58 -2.86
C GLU A 117 20.56 -16.32 -2.49
N ILE A 118 20.35 -15.73 -1.34
CA ILE A 118 19.03 -15.28 -0.91
C ILE A 118 18.44 -14.26 -1.92
N ASN A 119 19.24 -13.27 -2.28
CA ASN A 119 18.88 -12.35 -3.35
C ASN A 119 18.61 -12.99 -4.69
N ARG A 120 19.46 -13.91 -5.10
CA ARG A 120 19.25 -14.62 -6.34
C ARG A 120 17.97 -15.45 -6.23
N LEU A 121 17.68 -15.95 -5.04
CA LEU A 121 16.47 -16.73 -4.85
C LEU A 121 15.18 -15.90 -4.97
N VAL A 122 15.16 -14.76 -4.28
CA VAL A 122 14.02 -13.87 -4.39
C VAL A 122 13.82 -13.36 -5.81
N ARG A 123 14.87 -12.89 -6.46
CA ARG A 123 14.72 -12.44 -7.82
C ARG A 123 14.02 -13.52 -8.63
N ALA A 124 14.44 -14.77 -8.42
CA ALA A 124 13.92 -15.89 -9.22
C ALA A 124 12.45 -16.15 -8.95
N ILE A 125 12.02 -16.01 -7.69
CA ILE A 125 10.57 -16.14 -7.44
C ILE A 125 9.84 -15.02 -8.19
N ALA A 126 10.33 -13.78 -8.05
CA ALA A 126 9.62 -12.62 -8.61
C ALA A 126 9.58 -12.60 -10.12
N ALA A 127 10.59 -13.17 -10.77
CA ALA A 127 10.65 -13.31 -12.23
C ALA A 127 9.84 -14.48 -12.81
N LEU A 128 9.59 -15.50 -12.00
CA LEU A 128 9.04 -16.77 -12.46
C LEU A 128 7.70 -16.55 -13.16
N PRO A 129 7.56 -16.97 -14.43
CA PRO A 129 6.33 -16.62 -15.20
C PRO A 129 5.14 -17.52 -14.94
N HIS A 130 4.95 -17.89 -13.66
CA HIS A 130 3.80 -18.66 -13.21
C HIS A 130 3.44 -18.20 -11.80
N PRO A 131 2.20 -18.50 -11.34
CA PRO A 131 1.73 -18.37 -9.95
C PRO A 131 2.57 -19.14 -8.94
N VAL A 132 3.17 -18.43 -7.98
CA VAL A 132 3.94 -19.05 -6.92
C VAL A 132 3.20 -18.97 -5.58
N VAL A 133 3.01 -20.14 -4.98
CA VAL A 133 2.21 -20.24 -3.81
C VAL A 133 3.10 -20.65 -2.68
N ALA A 134 3.08 -19.82 -1.64
CA ALA A 134 3.77 -20.11 -0.38
C ALA A 134 2.76 -20.76 0.53
N VAL A 135 3.13 -21.93 1.07
CA VAL A 135 2.22 -22.73 1.88
C VAL A 135 2.71 -22.63 3.30
N VAL A 136 2.06 -21.78 4.09
CA VAL A 136 2.63 -21.46 5.41
C VAL A 136 1.87 -22.14 6.60
N GLN A 137 2.37 -23.30 6.98
CA GLN A 137 1.61 -24.17 7.88
C GLN A 137 1.95 -23.93 9.33
N GLY A 138 3.19 -23.51 9.60
CA GLY A 138 3.56 -23.15 10.97
C GLY A 138 4.14 -21.76 11.07
N PRO A 139 5.10 -21.57 11.97
CA PRO A 139 5.84 -20.31 12.00
C PRO A 139 6.80 -20.05 10.81
N ALA A 140 6.84 -18.79 10.37
CA ALA A 140 7.84 -18.36 9.42
C ALA A 140 8.58 -17.20 10.07
N ALA A 141 9.89 -17.23 9.99
CA ALA A 141 10.69 -16.17 10.64
C ALA A 141 11.90 -15.81 9.80
N GLY A 142 12.42 -14.62 10.06
CA GLY A 142 13.46 -14.00 9.23
C GLY A 142 13.16 -14.14 7.74
N VAL A 143 14.10 -14.77 7.05
CA VAL A 143 14.11 -14.94 5.62
C VAL A 143 12.94 -15.76 5.14
N GLY A 144 12.45 -16.67 5.97
CA GLY A 144 11.25 -17.44 5.65
C GLY A 144 10.11 -16.52 5.26
N VAL A 145 9.96 -15.42 6.01
CA VAL A 145 8.90 -14.42 5.76
C VAL A 145 9.14 -13.78 4.40
N SER A 146 10.35 -13.31 4.20
CA SER A 146 10.71 -12.74 2.89
C SER A 146 10.44 -13.67 1.71
N ILE A 147 10.82 -14.94 1.83
CA ILE A 147 10.57 -15.88 0.72
C ILE A 147 9.09 -15.90 0.44
N ALA A 148 8.30 -16.08 1.50
CA ALA A 148 6.86 -16.16 1.38
C ALA A 148 6.30 -14.89 0.78
N LEU A 149 6.78 -13.73 1.18
CA LEU A 149 6.23 -12.48 0.62
C LEU A 149 6.74 -12.13 -0.78
N ALA A 150 7.79 -12.80 -1.22
CA ALA A 150 8.18 -12.73 -2.62
C ALA A 150 7.17 -13.49 -3.43
N CYS A 151 6.44 -14.39 -2.81
CA CYS A 151 5.49 -15.19 -3.60
C CYS A 151 4.26 -14.39 -4.03
N ASP A 152 3.45 -14.99 -4.90
CA ASP A 152 2.25 -14.31 -5.38
C ASP A 152 0.99 -14.56 -4.54
N VAL A 153 0.87 -15.76 -4.01
CA VAL A 153 -0.25 -16.18 -3.15
C VAL A 153 0.37 -16.73 -1.83
N VAL A 154 -0.22 -16.35 -0.71
CA VAL A 154 0.28 -16.81 0.57
C VAL A 154 -0.88 -17.34 1.40
N LEU A 155 -0.81 -18.67 1.63
CA LEU A 155 -1.85 -19.45 2.30
C LEU A 155 -1.36 -19.85 3.69
N ALA A 156 -2.06 -19.33 4.70
CA ALA A 156 -1.67 -19.48 6.09
C ALA A 156 -2.58 -20.43 6.87
N SER A 157 -1.98 -21.18 7.80
CA SER A 157 -2.67 -21.92 8.85
C SER A 157 -3.04 -21.01 10.00
N GLU A 158 -4.08 -21.36 10.75
CA GLU A 158 -4.47 -20.60 11.92
C GLU A 158 -3.30 -20.62 12.90
N ASN A 159 -2.56 -21.73 12.83
CA ASN A 159 -1.30 -22.00 13.54
C ASN A 159 -0.21 -21.01 13.36
N ALA A 160 -0.10 -20.52 12.12
CA ALA A 160 1.09 -19.81 11.68
C ALA A 160 1.20 -18.42 12.29
N PHE A 161 2.45 -18.04 12.51
CA PHE A 161 2.78 -16.67 12.77
C PHE A 161 3.99 -16.23 11.92
N PHE A 162 4.25 -14.92 11.92
CA PHE A 162 5.36 -14.34 11.10
C PHE A 162 6.20 -13.38 11.90
N MSE A 163 7.51 -13.50 11.77
CA MSE A 163 8.37 -12.63 12.57
C MSE A 163 9.57 -12.26 11.78
O MSE A 163 10.29 -13.14 11.28
CB MSE A 163 8.78 -13.30 13.89
CG MSE A 163 9.47 -12.27 14.78
SE MSE A 163 9.46 -12.74 16.69
CE MSE A 163 10.71 -14.29 16.60
N LEU A 164 9.78 -10.96 11.66
CA LEU A 164 10.95 -10.42 10.99
C LEU A 164 12.04 -10.34 12.04
N ALA A 165 12.64 -11.49 12.29
CA ALA A 165 13.46 -11.76 13.47
C ALA A 165 14.80 -11.00 13.53
N PHE A 166 15.19 -10.41 12.40
CA PHE A 166 16.57 -9.99 12.16
C PHE A 166 17.25 -9.11 13.22
N THR A 167 16.55 -8.11 13.74
CA THR A 167 17.17 -7.18 14.69
C THR A 167 17.37 -7.82 16.07
N LYS A 168 16.64 -8.90 16.32
CA LYS A 168 16.83 -9.70 17.52
C LYS A 168 18.29 -10.22 17.62
N ILE A 169 18.93 -10.52 16.49
CA ILE A 169 20.32 -11.00 16.47
C ILE A 169 21.30 -10.02 15.84
N GLY A 170 20.96 -8.73 15.86
CA GLY A 170 21.85 -7.67 15.32
C GLY A 170 21.97 -7.48 13.80
N LEU A 171 21.10 -8.14 13.04
CA LEU A 171 21.03 -8.00 11.57
C LEU A 171 19.84 -7.14 11.09
N MSE A 172 19.79 -6.90 9.79
CA MSE A 172 18.71 -6.18 9.15
C MSE A 172 17.98 -7.11 8.21
O MSE A 172 18.50 -8.17 7.86
CB MSE A 172 19.24 -4.97 8.36
CG MSE A 172 19.76 -5.43 7.01
SE MSE A 172 20.65 -4.01 5.99
CE MSE A 172 19.07 -2.93 5.49
N PRO A 173 16.80 -6.70 7.75
CA PRO A 173 16.05 -7.56 6.85
C PRO A 173 16.72 -7.86 5.53
N ASP A 174 16.35 -9.01 5.00
CA ASP A 174 17.05 -9.72 3.99
C ASP A 174 16.04 -10.13 2.97
N GLY A 175 16.50 -10.64 1.84
CA GLY A 175 15.62 -11.17 0.82
C GLY A 175 14.54 -10.22 0.34
N GLY A 176 14.82 -8.92 0.40
CA GLY A 176 13.91 -7.92 -0.15
C GLY A 176 12.83 -7.44 0.79
N ALA A 177 12.89 -7.90 2.04
CA ALA A 177 11.86 -7.54 3.03
C ALA A 177 11.73 -6.05 3.23
N SER A 178 12.82 -5.31 3.02
CA SER A 178 12.74 -3.83 2.99
C SER A 178 11.68 -3.25 2.04
N ALA A 179 11.36 -3.96 0.96
CA ALA A 179 10.29 -3.55 0.02
C ALA A 179 9.08 -4.46 0.04
N LEU A 180 9.29 -5.76 0.17
CA LEU A 180 8.19 -6.73 0.01
C LEU A 180 7.15 -6.57 1.06
N VAL A 181 7.60 -6.23 2.26
CA VAL A 181 6.69 -6.16 3.37
C VAL A 181 5.86 -4.93 3.15
N ALA A 182 6.50 -3.78 3.01
CA ALA A 182 5.77 -2.54 2.88
C ALA A 182 4.88 -2.56 1.62
N ALA A 183 5.31 -3.22 0.57
CA ALA A 183 4.48 -3.34 -0.67
C ALA A 183 3.12 -3.99 -0.45
N ALA A 184 2.99 -4.81 0.57
CA ALA A 184 1.71 -5.43 0.95
C ALA A 184 0.94 -4.70 2.07
N VAL A 185 1.63 -4.26 3.12
CA VAL A 185 0.94 -3.68 4.30
C VAL A 185 1.19 -2.19 4.54
N GLY A 186 2.06 -1.60 3.76
CA GLY A 186 2.40 -0.20 3.95
C GLY A 186 3.56 0.00 4.90
N ARG A 187 3.95 1.26 5.00
CA ARG A 187 5.18 1.66 5.62
C ARG A 187 5.25 1.40 7.12
N ILE A 188 4.28 1.96 7.82
CA ILE A 188 4.22 1.97 9.25
C ILE A 188 4.20 0.57 9.77
N ARG A 189 3.39 -0.25 9.15
CA ARG A 189 3.35 -1.68 9.53
C ARG A 189 4.62 -2.45 9.24
N ALA A 190 5.27 -2.14 8.14
CA ALA A 190 6.59 -2.68 7.85
C ALA A 190 7.63 -2.25 8.89
N MSE A 191 7.68 -0.95 9.18
CA MSE A 191 8.63 -0.42 10.17
C MSE A 191 8.48 -1.15 11.51
O MSE A 191 9.46 -1.49 12.17
CB MSE A 191 8.38 1.04 10.47
CG MSE A 191 9.15 2.11 9.72
SE MSE A 191 11.11 1.82 9.51
CE MSE A 191 11.51 0.50 10.86
N GLN A 192 7.22 -1.40 11.88
CA GLN A 192 6.83 -2.10 13.06
C GLN A 192 7.31 -3.52 13.06
N MSE A 193 7.03 -4.28 12.03
CA MSE A 193 7.52 -5.66 12.05
C MSE A 193 9.03 -5.69 12.13
O MSE A 193 9.60 -6.64 12.69
CB MSE A 193 7.11 -6.50 10.87
CG MSE A 193 5.60 -6.72 10.90
SE MSE A 193 5.09 -7.59 9.20
CE MSE A 193 5.81 -9.38 9.61
N ALA A 194 9.72 -4.70 11.58
CA ALA A 194 11.14 -4.81 11.49
C ALA A 194 11.87 -4.28 12.72
N LEU A 195 11.40 -3.23 13.36
CA LEU A 195 12.08 -2.67 14.57
C LEU A 195 11.47 -3.17 15.91
N LEU A 196 10.24 -3.64 15.84
CA LEU A 196 9.53 -4.16 17.00
C LEU A 196 8.97 -5.52 16.63
N PRO A 197 9.84 -6.46 16.24
CA PRO A 197 9.41 -7.77 15.79
C PRO A 197 8.62 -8.47 16.87
N GLU A 198 7.65 -9.28 16.45
CA GLU A 198 6.74 -9.97 17.37
C GLU A 198 6.14 -11.06 16.57
N ARG A 199 5.68 -12.11 17.23
CA ARG A 199 5.02 -13.20 16.55
C ARG A 199 3.67 -12.65 16.04
N LEU A 200 3.59 -12.31 14.76
CA LEU A 200 2.33 -11.77 14.19
C LEU A 200 1.51 -12.97 13.79
N PRO A 201 0.36 -13.14 14.39
CA PRO A 201 -0.42 -14.34 14.09
C PRO A 201 -1.12 -14.23 12.75
N ALA A 202 -1.26 -15.37 12.08
CA ALA A 202 -2.05 -15.51 10.85
C ALA A 202 -3.31 -14.65 10.71
N ALA A 203 -4.18 -14.60 11.73
CA ALA A 203 -5.47 -13.88 11.63
C ALA A 203 -5.24 -12.39 11.44
N GLU A 204 -4.19 -11.91 12.04
CA GLU A 204 -3.78 -10.53 11.98
C GLU A 204 -3.01 -10.19 10.68
N ALA A 205 -2.13 -11.11 10.27
CA ALA A 205 -1.49 -11.03 8.97
C ALA A 205 -2.53 -10.86 7.85
N LEU A 206 -3.55 -11.70 7.85
CA LEU A 206 -4.62 -11.56 6.86
C LEU A 206 -5.36 -10.26 6.90
N ALA A 207 -5.63 -9.74 8.09
CA ALA A 207 -6.34 -8.48 8.21
C ALA A 207 -5.47 -7.26 7.80
N TRP A 208 -4.14 -7.37 7.94
CA TRP A 208 -3.19 -6.36 7.45
C TRP A 208 -3.01 -6.39 5.91
N GLY A 209 -3.39 -7.50 5.28
CA GLY A 209 -3.23 -7.69 3.83
C GLY A 209 -1.90 -8.35 3.50
N LEU A 210 -1.33 -9.06 4.45
CA LEU A 210 -0.01 -9.64 4.29
C LEU A 210 -0.10 -11.05 3.74
N VAL A 211 -1.26 -11.68 3.86
CA VAL A 211 -1.43 -13.08 3.38
C VAL A 211 -2.71 -13.13 2.60
N THR A 212 -2.86 -14.14 1.73
CA THR A 212 -4.01 -14.25 0.85
C THR A 212 -5.18 -14.87 1.57
N ALA A 213 -4.88 -15.85 2.43
CA ALA A 213 -5.94 -16.61 3.08
C ALA A 213 -5.46 -17.35 4.35
N VAL A 214 -6.39 -17.49 5.30
CA VAL A 214 -6.19 -18.28 6.51
C VAL A 214 -7.26 -19.38 6.59
N TYR A 215 -6.79 -20.62 6.70
CA TYR A 215 -7.67 -21.77 6.87
C TYR A 215 -7.44 -22.32 8.28
N PRO A 216 -8.51 -22.84 8.90
CA PRO A 216 -8.38 -23.60 10.16
C PRO A 216 -7.42 -24.76 9.99
N ALA A 217 -6.67 -25.06 11.03
CA ALA A 217 -5.51 -25.97 10.91
C ALA A 217 -5.85 -27.41 10.54
N ASP A 218 -7.08 -27.81 10.86
CA ASP A 218 -7.61 -29.12 10.51
C ASP A 218 -8.02 -29.21 9.02
N GLU A 219 -8.34 -28.07 8.40
CA GLU A 219 -8.79 -28.00 7.00
C GLU A 219 -7.71 -27.58 6.04
N PHE A 220 -6.57 -27.16 6.58
CA PHE A 220 -5.55 -26.46 5.83
C PHE A 220 -5.09 -27.17 4.54
N GLU A 221 -4.59 -28.40 4.69
CA GLU A 221 -4.08 -29.18 3.53
C GLU A 221 -5.16 -29.37 2.45
N ALA A 222 -6.42 -29.51 2.85
CA ALA A 222 -7.48 -29.66 1.89
C ALA A 222 -7.72 -28.35 1.15
N GLU A 223 -7.78 -27.22 1.86
CA GLU A 223 -8.04 -25.92 1.24
C GLU A 223 -6.90 -25.47 0.30
N VAL A 224 -5.68 -25.65 0.77
CA VAL A 224 -4.50 -25.48 -0.07
C VAL A 224 -4.63 -26.30 -1.37
N ASP A 225 -5.07 -27.55 -1.28
CA ASP A 225 -5.23 -28.37 -2.49
C ASP A 225 -6.24 -27.77 -3.44
N LYS A 226 -7.35 -27.31 -2.92
CA LYS A 226 -8.35 -26.66 -3.74
C LYS A 226 -7.81 -25.38 -4.45
N VAL A 227 -6.96 -24.62 -3.75
CA VAL A 227 -6.33 -23.43 -4.39
C VAL A 227 -5.40 -23.84 -5.55
N ILE A 228 -4.46 -24.75 -5.30
CA ILE A 228 -3.59 -25.27 -6.40
C ILE A 228 -4.39 -25.78 -7.61
N ALA A 229 -5.50 -26.48 -7.37
CA ALA A 229 -6.25 -27.09 -8.48
C ALA A 229 -6.97 -25.98 -9.25
N ARG A 230 -7.44 -24.95 -8.55
CA ARG A 230 -8.11 -23.85 -9.24
C ARG A 230 -7.10 -23.13 -10.13
N LEU A 231 -5.96 -22.82 -9.55
CA LEU A 231 -4.88 -22.23 -10.35
C LEU A 231 -4.44 -23.13 -11.56
N LEU A 232 -4.38 -24.44 -11.33
CA LEU A 232 -3.95 -25.39 -12.38
C LEU A 232 -4.89 -25.44 -13.59
N SER A 233 -6.15 -25.09 -13.38
CA SER A 233 -7.17 -25.05 -14.43
C SER A 233 -7.39 -23.65 -14.96
N GLY A 234 -6.54 -22.72 -14.57
CA GLY A 234 -6.67 -21.33 -15.00
C GLY A 234 -5.89 -21.06 -16.27
N PRO A 235 -6.16 -19.90 -16.91
CA PRO A 235 -5.49 -19.58 -18.16
C PRO A 235 -4.00 -19.30 -17.95
N ALA A 236 -3.15 -20.25 -18.32
CA ALA A 236 -1.72 -20.22 -17.97
C ALA A 236 -0.99 -18.99 -18.48
N VAL A 237 -1.35 -18.54 -19.68
CA VAL A 237 -0.65 -17.43 -20.27
C VAL A 237 -1.13 -16.11 -19.66
N ALA A 238 -2.42 -16.03 -19.35
CA ALA A 238 -2.98 -14.83 -18.69
C ALA A 238 -2.47 -14.71 -17.20
N PHE A 239 -2.36 -15.83 -16.52
CA PHE A 239 -1.82 -15.86 -15.20
C PHE A 239 -0.38 -15.37 -15.22
N ALA A 240 0.40 -15.85 -16.17
CA ALA A 240 1.77 -15.46 -16.34
C ALA A 240 1.85 -13.94 -16.55
N LYS A 241 1.10 -13.41 -17.50
CA LYS A 241 1.21 -12.00 -17.83
C LYS A 241 0.65 -11.08 -16.72
N THR A 242 -0.21 -11.64 -15.88
CA THR A 242 -0.86 -10.92 -14.81
C THR A 242 0.05 -10.81 -13.61
N LYS A 243 0.73 -11.91 -13.33
CA LYS A 243 1.68 -11.97 -12.28
C LYS A 243 2.87 -11.08 -12.58
N LEU A 244 3.36 -11.18 -13.83
CA LEU A 244 4.50 -10.34 -14.20
C LEU A 244 4.16 -8.85 -14.14
N ALA A 245 2.93 -8.52 -14.48
CA ALA A 245 2.51 -7.10 -14.57
C ALA A 245 2.30 -6.45 -13.19
N ILE A 246 1.63 -7.17 -12.33
CA ILE A 246 1.49 -6.70 -10.97
C ILE A 246 2.87 -6.52 -10.32
N ASN A 247 3.75 -7.49 -10.53
CA ASN A 247 5.08 -7.36 -10.01
C ASN A 247 5.88 -6.17 -10.58
N ALA A 248 5.77 -5.93 -11.88
CA ALA A 248 6.45 -4.76 -12.47
C ALA A 248 5.89 -3.44 -11.90
N ALA A 249 4.64 -3.40 -11.50
CA ALA A 249 4.11 -2.17 -10.91
C ALA A 249 4.42 -2.03 -9.44
N THR A 250 4.47 -3.15 -8.71
CA THR A 250 4.54 -3.08 -7.29
C THR A 250 5.92 -3.33 -6.73
N LEU A 251 6.82 -3.81 -7.57
CA LEU A 251 8.15 -4.14 -7.12
C LEU A 251 9.27 -3.36 -7.75
N THR A 252 9.01 -2.14 -8.18
CA THR A 252 10.07 -1.34 -8.79
C THR A 252 11.20 -1.11 -7.79
N GLU A 253 10.94 -1.25 -6.49
CA GLU A 253 11.98 -1.10 -5.47
C GLU A 253 12.67 -2.40 -4.97
N LEU A 254 12.30 -3.53 -5.53
CA LEU A 254 12.89 -4.79 -5.12
C LEU A 254 14.38 -4.76 -5.38
N ASP A 255 14.80 -4.52 -6.62
CA ASP A 255 16.23 -4.57 -6.93
C ASP A 255 17.02 -3.56 -6.12
N PRO A 256 16.60 -2.29 -6.10
CA PRO A 256 17.34 -1.34 -5.24
C PRO A 256 17.48 -1.84 -3.80
N ALA A 257 16.41 -2.44 -3.30
CA ALA A 257 16.40 -2.93 -1.94
C ALA A 257 17.32 -4.12 -1.73
N LEU A 258 17.43 -4.99 -2.72
CA LEU A 258 18.38 -6.04 -2.63
C LEU A 258 19.78 -5.49 -2.68
N GLN A 259 20.01 -4.40 -3.40
CA GLN A 259 21.36 -3.85 -3.44
C GLN A 259 21.74 -3.29 -2.03
N ARG A 260 20.82 -2.58 -1.39
CA ARG A 260 21.11 -1.99 -0.06
C ARG A 260 21.29 -3.03 1.02
N GLU A 261 20.52 -4.10 0.91
CA GLU A 261 20.52 -5.14 1.91
C GLU A 261 21.83 -5.84 1.85
N PHE A 262 22.30 -6.13 0.64
CA PHE A 262 23.64 -6.66 0.45
C PHE A 262 24.63 -5.73 1.11
N ASP A 263 24.59 -4.43 0.76
CA ASP A 263 25.59 -3.48 1.30
C ASP A 263 25.56 -3.49 2.83
N GLY A 264 24.34 -3.39 3.37
CA GLY A 264 24.14 -3.19 4.81
C GLY A 264 24.38 -4.47 5.65
N GLN A 265 23.80 -5.57 5.21
CA GLN A 265 23.92 -6.79 5.95
C GLN A 265 25.37 -7.26 6.00
N SER A 266 26.07 -7.04 4.91
CA SER A 266 27.43 -7.48 4.77
C SER A 266 28.37 -6.84 5.81
N VAL A 267 28.09 -5.60 6.18
CA VAL A 267 28.76 -4.96 7.29
C VAL A 267 28.28 -5.50 8.66
N LEU A 268 26.98 -5.55 8.84
CA LEU A 268 26.40 -6.04 10.08
C LEU A 268 26.81 -7.47 10.43
N LEU A 269 26.86 -8.34 9.41
CA LEU A 269 27.38 -9.70 9.54
C LEU A 269 28.83 -9.76 10.05
N LYS A 270 29.73 -9.00 9.44
CA LYS A 270 31.12 -8.97 9.89
C LYS A 270 31.29 -8.04 11.09
N SER A 271 30.23 -7.77 11.84
CA SER A 271 30.31 -6.83 12.96
C SER A 271 30.03 -7.46 14.33
N PRO A 272 30.53 -6.82 15.40
CA PRO A 272 30.41 -7.27 16.81
C PRO A 272 28.98 -7.52 17.32
N ASP A 273 28.07 -6.55 17.17
CA ASP A 273 26.67 -6.73 17.60
C ASP A 273 26.07 -8.08 17.14
N PHE A 274 26.46 -8.60 15.97
CA PHE A 274 25.91 -9.89 15.49
C PHE A 274 26.55 -11.10 16.16
N VAL A 275 27.83 -11.02 16.50
CA VAL A 275 28.46 -12.10 17.27
C VAL A 275 27.69 -12.26 18.62
N GLU A 276 27.38 -11.14 19.29
CA GLU A 276 26.54 -11.15 20.50
C GLU A 276 25.13 -11.66 20.25
N GLY A 277 24.53 -11.21 19.16
CA GLY A 277 23.22 -11.65 18.74
C GLY A 277 23.13 -13.15 18.65
N ALA A 278 24.04 -13.78 17.94
CA ALA A 278 23.98 -15.24 17.72
C ALA A 278 24.29 -16.07 19.00
N THR A 279 25.12 -15.53 19.89
CA THR A 279 25.39 -16.13 21.19
C THR A 279 24.09 -16.29 22.01
N ALA A 280 23.42 -15.18 22.28
CA ALA A 280 22.11 -15.20 22.95
C ALA A 280 21.01 -15.71 22.00
N LEU B 31 24.10 23.35 20.47
CA LEU B 31 22.63 23.54 20.17
C LEU B 31 21.94 24.74 20.85
N ALA B 32 21.53 25.73 20.06
CA ALA B 32 20.84 26.93 20.60
C ALA B 32 19.47 26.62 21.24
N PRO B 33 19.27 27.04 22.50
CA PRO B 33 17.94 26.89 23.10
C PRO B 33 16.89 27.74 22.36
N VAL B 34 15.65 27.25 22.32
CA VAL B 34 14.60 27.82 21.48
C VAL B 34 13.31 27.96 22.27
N ALA B 35 12.77 29.17 22.28
CA ALA B 35 11.51 29.44 22.93
C ALA B 35 10.45 28.49 22.39
N GLY B 36 9.73 27.83 23.30
CA GLY B 36 8.55 27.05 22.94
C GLY B 36 8.86 25.58 22.67
N LEU B 37 10.04 25.13 23.11
CA LEU B 37 10.56 23.82 22.76
C LEU B 37 11.53 23.30 23.79
N ASP B 38 11.38 22.07 24.20
CA ASP B 38 12.32 21.46 25.14
C ASP B 38 13.01 20.31 24.49
N VAL B 39 14.31 20.22 24.67
CA VAL B 39 15.06 19.19 24.03
C VAL B 39 16.06 18.61 25.03
N THR B 40 16.14 17.30 25.12
CA THR B 40 16.89 16.63 26.17
C THR B 40 17.58 15.38 25.63
N LEU B 41 18.78 15.09 26.13
CA LEU B 41 19.48 13.83 25.84
C LEU B 41 19.80 13.07 27.14
N SER B 42 18.84 12.31 27.64
CA SER B 42 19.04 11.56 28.86
C SER B 42 19.85 10.31 28.58
N ASP B 43 19.20 9.19 28.37
CA ASP B 43 19.85 7.92 28.53
C ASP B 43 20.15 7.28 27.17
N GLY B 44 20.71 8.04 26.24
CA GLY B 44 20.68 7.67 24.81
C GLY B 44 19.35 7.98 24.10
N VAL B 45 18.44 8.67 24.79
CA VAL B 45 17.13 9.02 24.25
C VAL B 45 17.07 10.51 24.02
N PHE B 46 17.03 10.89 22.74
CA PHE B 46 16.93 12.27 22.36
C PHE B 46 15.45 12.63 22.37
N SER B 47 15.06 13.58 23.21
CA SER B 47 13.65 13.88 23.32
C SER B 47 13.41 15.30 22.90
N VAL B 48 12.31 15.53 22.22
CA VAL B 48 11.99 16.86 21.70
C VAL B 48 10.51 17.08 21.93
N THR B 49 10.17 18.13 22.65
CA THR B 49 8.79 18.33 23.02
C THR B 49 8.38 19.73 22.67
N ILE B 50 7.26 19.85 22.00
CA ILE B 50 6.71 21.15 21.72
C ILE B 50 6.03 21.60 23.00
N ASN B 51 6.47 22.75 23.54
CA ASN B 51 5.88 23.31 24.76
C ASN B 51 5.19 24.63 24.49
N ARG B 52 3.98 24.52 23.95
CA ARG B 52 3.12 25.68 23.73
C ARG B 52 1.70 25.21 23.94
N PRO B 53 1.45 24.50 25.05
CA PRO B 53 0.14 23.88 25.28
C PRO B 53 -1.07 24.87 25.18
N ASP B 54 -0.81 26.18 25.23
CA ASP B 54 -1.86 27.17 25.03
C ASP B 54 -2.28 27.35 23.57
N SER B 55 -1.33 27.21 22.66
CA SER B 55 -1.63 27.24 21.22
C SER B 55 -2.13 25.87 20.75
N LEU B 56 -2.17 24.92 21.68
CA LEU B 56 -2.32 23.47 21.41
C LEU B 56 -1.12 22.95 20.56
N ASN B 57 0.06 23.48 20.89
CA ASN B 57 1.32 23.14 20.23
C ASN B 57 1.34 23.50 18.74
N SER B 58 0.80 24.67 18.44
CA SER B 58 0.85 25.24 17.10
C SER B 58 2.30 25.51 16.75
N LEU B 59 2.58 25.66 15.46
CA LEU B 59 3.96 25.76 14.96
C LEU B 59 4.29 27.11 14.37
N THR B 60 5.51 27.60 14.62
CA THR B 60 6.04 28.79 13.98
C THR B 60 7.37 28.51 13.35
N VAL B 61 7.80 29.46 12.54
CA VAL B 61 9.05 29.37 11.87
C VAL B 61 10.12 29.05 12.90
N PRO B 62 10.31 29.92 13.90
CA PRO B 62 11.40 29.64 14.86
C PRO B 62 11.37 28.24 15.49
N VAL B 63 10.19 27.73 15.83
CA VAL B 63 10.18 26.43 16.51
C VAL B 63 10.24 25.26 15.52
N ILE B 64 9.64 25.37 14.35
CA ILE B 64 9.90 24.38 13.27
C ILE B 64 11.39 24.27 12.99
N THR B 65 11.98 25.44 12.77
CA THR B 65 13.39 25.55 12.53
C THR B 65 14.10 24.76 13.65
N GLY B 66 13.67 24.94 14.89
CA GLY B 66 14.35 24.31 16.02
C GLY B 66 14.29 22.81 15.96
N ILE B 67 13.10 22.28 15.62
CA ILE B 67 12.94 20.83 15.53
C ILE B 67 13.89 20.35 14.46
N ALA B 68 13.86 21.04 13.32
CA ALA B 68 14.72 20.66 12.22
C ALA B 68 16.19 20.60 12.62
N ASP B 69 16.70 21.70 13.17
CA ASP B 69 18.08 21.74 13.69
C ASP B 69 18.40 20.58 14.66
N ALA B 70 17.48 20.36 15.60
CA ALA B 70 17.66 19.32 16.61
C ALA B 70 17.68 17.91 16.01
N MSE B 71 16.88 17.69 14.95
CA MSE B 71 16.90 16.38 14.27
C MSE B 71 18.19 16.22 13.56
O MSE B 71 18.79 15.14 13.63
CB MSE B 71 15.78 16.23 13.24
CG MSE B 71 14.39 16.28 13.87
SE MSE B 71 14.03 14.72 15.04
CE MSE B 71 12.62 15.68 15.99
N GLU B 72 18.65 17.28 12.88
CA GLU B 72 19.95 17.26 12.21
C GLU B 72 21.07 17.15 13.23
N TYR B 73 20.89 17.74 14.41
CA TYR B 73 21.89 17.54 15.48
C TYR B 73 21.94 16.09 15.88
N ALA B 74 20.77 15.50 16.11
CA ALA B 74 20.68 14.12 16.63
C ALA B 74 21.16 13.03 15.69
N ALA B 75 21.21 13.38 14.41
CA ALA B 75 21.76 12.50 13.37
C ALA B 75 23.24 12.17 13.53
N THR B 76 24.02 13.12 14.08
CA THR B 76 25.48 12.93 14.20
C THR B 76 26.01 12.89 15.66
N ASP B 77 25.16 13.06 16.67
CA ASP B 77 25.66 12.98 18.03
C ASP B 77 25.78 11.53 18.45
N PRO B 78 27.02 11.04 18.57
CA PRO B 78 27.25 9.61 18.63
C PRO B 78 26.77 8.91 19.92
N GLU B 79 26.13 9.64 20.84
CA GLU B 79 25.52 9.04 22.01
C GLU B 79 23.99 8.91 21.92
N VAL B 80 23.39 9.39 20.81
CA VAL B 80 21.96 9.18 20.53
C VAL B 80 21.66 7.75 20.08
N LYS B 81 20.62 7.17 20.66
CA LYS B 81 20.15 5.84 20.24
C LYS B 81 18.73 5.85 19.65
N VAL B 82 17.89 6.75 20.15
CA VAL B 82 16.48 6.78 19.86
C VAL B 82 15.99 8.19 19.99
N VAL B 83 15.15 8.62 19.05
CA VAL B 83 14.65 9.96 19.06
C VAL B 83 13.15 9.86 19.32
N ARG B 84 12.61 10.97 19.84
CA ARG B 84 11.31 10.97 20.42
C ARG B 84 10.74 12.36 20.26
N ILE B 85 9.58 12.46 19.60
CA ILE B 85 8.91 13.73 19.33
C ILE B 85 7.60 13.61 20.00
N GLY B 86 7.16 14.70 20.60
CA GLY B 86 5.93 14.69 21.36
C GLY B 86 5.48 16.10 21.66
N GLY B 87 4.39 16.19 22.42
CA GLY B 87 3.81 17.48 22.74
C GLY B 87 3.40 17.58 24.20
N ALA B 88 3.45 18.79 24.73
CA ALA B 88 3.10 19.03 26.12
C ALA B 88 1.59 19.08 26.32
N GLY B 89 1.12 18.46 27.39
CA GLY B 89 -0.25 18.66 27.86
C GLY B 89 -1.24 17.84 27.09
N ARG B 90 -2.28 18.51 26.61
CA ARG B 90 -3.47 17.89 26.00
C ARG B 90 -3.22 17.27 24.63
N GLY B 91 -2.68 18.09 23.72
CA GLY B 91 -2.49 17.72 22.31
C GLY B 91 -1.05 17.55 21.89
N PHE B 92 -0.88 16.88 20.74
CA PHE B 92 0.45 16.63 20.13
C PHE B 92 0.90 17.89 19.37
N SER B 93 0.15 18.25 18.35
CA SER B 93 0.39 19.50 17.66
C SER B 93 -0.81 19.82 16.82
N SER B 94 -1.24 21.08 16.85
CA SER B 94 -2.31 21.54 15.99
C SER B 94 -1.81 22.11 14.65
N GLY B 95 -0.50 22.03 14.37
CA GLY B 95 0.04 22.47 13.07
C GLY B 95 0.31 23.96 12.95
N ALA B 96 0.27 24.46 11.71
CA ALA B 96 0.55 25.89 11.42
C ALA B 96 -0.35 26.84 12.22
N GLU B 113 8.21 29.41 3.11
CA GLU B 113 8.95 29.98 4.27
C GLU B 113 8.78 29.10 5.58
N ILE B 114 7.54 29.06 6.03
CA ILE B 114 7.07 28.04 6.95
C ILE B 114 7.05 26.69 6.18
N ILE B 115 6.74 26.70 4.88
CA ILE B 115 6.72 25.46 4.14
C ILE B 115 8.13 24.87 4.06
N LEU B 116 9.09 25.74 3.76
CA LEU B 116 10.42 25.26 3.49
C LEU B 116 11.04 24.66 4.71
N GLU B 117 10.78 25.28 5.86
CA GLU B 117 11.35 24.76 7.11
C GLU B 117 10.60 23.49 7.52
N ILE B 118 9.32 23.38 7.17
CA ILE B 118 8.64 22.13 7.42
C ILE B 118 9.26 21.03 6.56
N ASN B 119 9.50 21.34 5.29
CA ASN B 119 10.11 20.40 4.38
C ASN B 119 11.47 19.96 4.86
N ARG B 120 12.24 20.89 5.40
CA ARG B 120 13.57 20.55 5.90
C ARG B 120 13.43 19.64 7.13
N LEU B 121 12.42 19.91 7.94
CA LEU B 121 12.14 19.10 9.10
C LEU B 121 11.82 17.67 8.65
N VAL B 122 10.91 17.54 7.68
CA VAL B 122 10.51 16.22 7.27
C VAL B 122 11.67 15.39 6.69
N ARG B 123 12.49 16.00 5.82
CA ARG B 123 13.60 15.28 5.24
C ARG B 123 14.58 14.85 6.33
N ALA B 124 14.72 15.66 7.36
CA ALA B 124 15.54 15.31 8.54
C ALA B 124 14.99 14.13 9.33
N ILE B 125 13.69 14.04 9.52
CA ILE B 125 13.14 12.85 10.19
C ILE B 125 13.50 11.64 9.32
N ALA B 126 13.05 11.67 8.07
CA ALA B 126 13.24 10.59 7.13
C ALA B 126 14.68 10.10 7.00
N ALA B 127 15.65 11.02 7.07
CA ALA B 127 17.11 10.67 6.95
C ALA B 127 17.82 10.33 8.28
N LEU B 128 17.20 10.56 9.44
CA LEU B 128 17.86 10.32 10.74
C LEU B 128 18.25 8.86 10.95
N PRO B 129 19.54 8.58 11.20
CA PRO B 129 19.92 7.14 11.28
C PRO B 129 19.70 6.51 12.64
N HIS B 130 18.50 6.72 13.19
CA HIS B 130 18.03 6.03 14.38
C HIS B 130 16.53 5.96 14.30
N PRO B 131 15.91 5.06 15.06
CA PRO B 131 14.46 5.04 15.23
C PRO B 131 13.93 6.31 15.86
N VAL B 132 13.02 6.99 15.17
CA VAL B 132 12.37 8.18 15.67
C VAL B 132 10.92 7.80 15.99
N VAL B 133 10.44 8.16 17.18
CA VAL B 133 9.14 7.68 17.71
C VAL B 133 8.19 8.85 17.86
N ALA B 134 7.01 8.75 17.29
CA ALA B 134 6.01 9.80 17.48
C ALA B 134 5.11 9.38 18.65
N VAL B 135 4.93 10.31 19.57
CA VAL B 135 4.21 10.08 20.84
C VAL B 135 3.01 10.96 20.80
N VAL B 136 1.84 10.37 20.59
CA VAL B 136 0.68 11.17 20.26
C VAL B 136 -0.39 10.93 21.32
N GLN B 137 -0.43 11.79 22.34
CA GLN B 137 -1.33 11.59 23.48
C GLN B 137 -2.70 12.21 23.21
N GLY B 138 -2.76 13.15 22.26
CA GLY B 138 -4.02 13.82 21.93
C GLY B 138 -4.00 14.30 20.49
N PRO B 139 -4.91 15.21 20.12
CA PRO B 139 -5.08 15.56 18.69
C PRO B 139 -3.80 15.98 17.93
N ALA B 140 -3.73 15.53 16.68
CA ALA B 140 -2.67 15.93 15.77
C ALA B 140 -3.37 16.40 14.53
N ALA B 141 -3.14 17.65 14.16
CA ALA B 141 -3.86 18.31 13.07
C ALA B 141 -2.90 19.00 12.06
N GLY B 142 -3.33 19.14 10.81
CA GLY B 142 -2.47 19.77 9.82
C GLY B 142 -1.10 19.10 9.69
N VAL B 143 -0.05 19.90 9.77
CA VAL B 143 1.31 19.37 9.64
C VAL B 143 1.70 18.51 10.81
N GLY B 144 1.02 18.67 11.92
CA GLY B 144 1.26 17.83 13.06
C GLY B 144 1.17 16.38 12.62
N VAL B 145 0.17 16.10 11.78
CA VAL B 145 -0.01 14.76 11.24
C VAL B 145 1.20 14.41 10.39
N SER B 146 1.55 15.28 9.46
CA SER B 146 2.73 15.01 8.63
C SER B 146 3.98 14.70 9.44
N ILE B 147 4.30 15.47 10.49
CA ILE B 147 5.51 15.18 11.32
C ILE B 147 5.39 13.76 11.86
N ALA B 148 4.24 13.44 12.45
CA ALA B 148 4.08 12.12 13.07
C ALA B 148 4.27 10.98 12.07
N LEU B 149 3.76 11.16 10.84
CA LEU B 149 3.82 10.13 9.79
C LEU B 149 5.17 9.98 9.13
N ALA B 150 5.96 11.05 9.15
CA ALA B 150 7.34 10.97 8.78
C ALA B 150 8.14 10.06 9.70
N CYS B 151 7.69 9.87 10.94
CA CYS B 151 8.47 9.10 11.94
C CYS B 151 8.39 7.63 11.58
N ASP B 152 9.05 6.78 12.35
CA ASP B 152 9.08 5.39 12.00
C ASP B 152 8.13 4.54 12.86
N VAL B 153 7.75 5.09 14.01
CA VAL B 153 6.91 4.38 14.97
C VAL B 153 6.02 5.41 15.54
N VAL B 154 4.72 5.20 15.45
CA VAL B 154 3.75 6.16 15.90
C VAL B 154 2.97 5.51 17.05
N LEU B 155 3.06 6.07 18.23
CA LEU B 155 2.36 5.50 19.37
C LEU B 155 1.28 6.47 19.79
N ALA B 156 0.08 5.96 19.93
CA ALA B 156 -1.07 6.82 20.15
C ALA B 156 -1.98 6.41 21.31
N SER B 157 -2.50 7.44 21.97
CA SER B 157 -3.49 7.29 23.03
C SER B 157 -4.88 7.03 22.45
N GLU B 158 -5.62 6.15 23.09
CA GLU B 158 -7.07 6.10 22.96
C GLU B 158 -7.66 7.50 22.66
N ASN B 159 -7.12 8.51 23.30
CA ASN B 159 -7.61 9.89 23.16
C ASN B 159 -7.22 10.60 21.87
N ALA B 160 -6.24 10.08 21.14
CA ALA B 160 -5.67 10.84 20.03
C ALA B 160 -6.51 10.79 18.75
N PHE B 161 -6.36 11.84 17.94
CA PHE B 161 -7.11 12.04 16.71
C PHE B 161 -6.19 12.68 15.67
N PHE B 162 -6.36 12.29 14.42
CA PHE B 162 -5.56 12.87 13.33
C PHE B 162 -6.47 13.52 12.29
N MSE B 163 -6.16 14.73 11.87
CA MSE B 163 -7.00 15.39 10.89
C MSE B 163 -6.19 16.29 9.99
O MSE B 163 -5.45 17.18 10.47
CB MSE B 163 -8.14 16.23 11.48
CG MSE B 163 -9.23 16.44 10.40
SE MSE B 163 -10.81 17.53 10.90
CE MSE B 163 -9.87 18.85 12.04
N LEU B 164 -6.37 16.05 8.69
CA LEU B 164 -5.69 16.75 7.62
C LEU B 164 -6.65 17.74 7.01
N ALA B 165 -6.86 18.86 7.67
CA ALA B 165 -7.97 19.72 7.31
C ALA B 165 -7.58 21.00 6.59
N PHE B 166 -6.39 21.02 5.99
CA PHE B 166 -5.99 22.09 5.07
C PHE B 166 -7.09 22.56 4.11
N THR B 167 -7.83 21.63 3.60
CA THR B 167 -8.80 21.90 2.56
C THR B 167 -9.97 22.75 3.08
N LYS B 168 -10.29 22.61 4.36
CA LYS B 168 -11.36 23.39 5.01
C LYS B 168 -11.10 24.88 4.91
N ILE B 169 -9.81 25.26 4.91
CA ILE B 169 -9.38 26.68 4.87
C ILE B 169 -8.76 27.06 3.54
N GLY B 170 -8.91 26.20 2.54
CA GLY B 170 -8.52 26.54 1.16
C GLY B 170 -7.11 26.15 0.77
N LEU B 171 -6.43 25.36 1.61
CA LEU B 171 -5.07 24.87 1.33
C LEU B 171 -5.01 23.35 1.06
N MSE B 172 -3.83 22.91 0.61
CA MSE B 172 -3.57 21.54 0.24
C MSE B 172 -2.66 20.98 1.26
O MSE B 172 -2.06 21.71 1.99
CB MSE B 172 -2.93 21.49 -1.14
CG MSE B 172 -1.46 21.87 -1.08
SE MSE B 172 -0.65 21.80 -2.87
CE MSE B 172 -0.46 19.83 -2.86
N PRO B 173 -2.53 19.66 1.32
CA PRO B 173 -1.66 19.10 2.34
C PRO B 173 -0.14 19.38 2.16
N ASP B 174 0.56 19.22 3.28
CA ASP B 174 1.84 19.84 3.52
C ASP B 174 2.67 18.82 4.20
N GLY B 175 3.95 19.05 4.23
CA GLY B 175 4.79 18.28 5.12
C GLY B 175 5.09 16.96 4.49
N GLY B 176 4.82 16.85 3.18
CA GLY B 176 4.95 15.58 2.48
C GLY B 176 3.75 14.66 2.65
N ALA B 177 2.64 15.20 3.12
CA ALA B 177 1.46 14.36 3.34
C ALA B 177 0.97 13.73 2.04
N SER B 178 1.12 14.43 0.91
CA SER B 178 0.68 13.85 -0.37
C SER B 178 1.36 12.51 -0.71
N ALA B 179 2.43 12.16 0.02
CA ALA B 179 3.07 10.85 -0.07
C ALA B 179 3.08 10.06 1.22
N LEU B 180 3.37 10.71 2.35
CA LEU B 180 3.50 9.98 3.60
C LEU B 180 2.25 9.19 4.00
N VAL B 181 1.07 9.74 3.68
CA VAL B 181 -0.18 9.09 4.07
C VAL B 181 -0.43 7.82 3.24
N ALA B 182 -0.42 7.99 1.92
CA ALA B 182 -0.58 6.88 0.99
C ALA B 182 0.42 5.74 1.25
N ALA B 183 1.66 6.09 1.57
CA ALA B 183 2.72 5.10 1.77
C ALA B 183 2.37 4.16 2.90
N ALA B 184 1.55 4.63 3.82
CA ALA B 184 1.12 3.82 4.97
C ALA B 184 -0.18 3.10 4.70
N VAL B 185 -1.18 3.77 4.08
CA VAL B 185 -2.55 3.25 3.94
C VAL B 185 -3.13 3.25 2.52
N GLY B 186 -2.34 3.57 1.53
CA GLY B 186 -2.81 3.49 0.17
C GLY B 186 -3.56 4.72 -0.31
N ARG B 187 -3.72 4.77 -1.62
CA ARG B 187 -4.17 5.95 -2.33
C ARG B 187 -5.62 6.38 -2.05
N ILE B 188 -6.52 5.42 -1.81
CA ILE B 188 -7.91 5.75 -1.74
C ILE B 188 -8.10 6.35 -0.37
N ARG B 189 -7.53 5.72 0.65
CA ARG B 189 -7.67 6.30 1.97
C ARG B 189 -6.99 7.65 2.08
N ALA B 190 -5.87 7.82 1.38
CA ALA B 190 -5.18 9.09 1.37
C ALA B 190 -6.02 10.21 0.77
N MSE B 191 -6.69 9.98 -0.38
CA MSE B 191 -7.57 10.98 -0.97
C MSE B 191 -8.70 11.35 -0.05
O MSE B 191 -9.11 12.48 0.03
CB MSE B 191 -8.29 10.44 -2.21
CG MSE B 191 -7.40 10.34 -3.44
SE MSE B 191 -6.90 12.07 -4.22
CE MSE B 191 -8.62 12.89 -4.03
N GLN B 192 -9.23 10.35 0.63
CA GLN B 192 -10.34 10.56 1.56
C GLN B 192 -9.95 11.58 2.64
N MSE B 193 -8.79 11.41 3.26
CA MSE B 193 -8.38 12.31 4.32
C MSE B 193 -8.11 13.69 3.81
O MSE B 193 -8.30 14.66 4.53
CB MSE B 193 -7.10 11.81 4.96
CG MSE B 193 -7.38 10.56 5.78
SE MSE B 193 -5.68 10.13 6.69
CE MSE B 193 -5.82 11.39 8.22
N ALA B 194 -7.64 13.79 2.58
CA ALA B 194 -7.29 15.08 2.03
C ALA B 194 -8.48 15.84 1.48
N LEU B 195 -9.34 15.18 0.73
CA LEU B 195 -10.55 15.80 0.17
C LEU B 195 -11.79 15.79 1.09
N LEU B 196 -11.92 14.77 1.92
CA LEU B 196 -13.02 14.68 2.87
C LEU B 196 -12.52 14.56 4.31
N PRO B 197 -11.82 15.58 4.78
CA PRO B 197 -11.22 15.50 6.12
C PRO B 197 -12.23 15.27 7.24
N GLU B 198 -11.87 14.45 8.21
CA GLU B 198 -12.71 14.07 9.34
C GLU B 198 -11.82 13.65 10.52
N ARG B 199 -12.20 13.99 11.73
CA ARG B 199 -11.40 13.55 12.85
C ARG B 199 -11.34 12.02 12.81
N LEU B 200 -10.13 11.50 12.69
CA LEU B 200 -9.90 10.09 12.55
C LEU B 200 -9.43 9.52 13.87
N PRO B 201 -10.33 8.90 14.62
CA PRO B 201 -9.87 8.49 15.93
C PRO B 201 -8.74 7.48 15.84
N ALA B 202 -7.88 7.48 16.85
CA ALA B 202 -6.76 6.57 16.94
C ALA B 202 -7.04 5.12 16.59
N ALA B 203 -8.20 4.61 16.97
CA ALA B 203 -8.46 3.17 16.82
C ALA B 203 -8.69 2.79 15.37
N GLU B 204 -9.32 3.68 14.63
CA GLU B 204 -9.53 3.50 13.22
C GLU B 204 -8.19 3.69 12.53
N ALA B 205 -7.45 4.68 12.97
CA ALA B 205 -6.15 4.92 12.38
C ALA B 205 -5.33 3.65 12.49
N LEU B 206 -5.38 3.00 13.63
CA LEU B 206 -4.66 1.74 13.79
C LEU B 206 -5.21 0.69 12.80
N ALA B 207 -6.52 0.56 12.72
CA ALA B 207 -7.09 -0.48 11.85
C ALA B 207 -6.65 -0.24 10.40
N TRP B 208 -6.57 1.03 10.01
CA TRP B 208 -6.10 1.39 8.67
C TRP B 208 -4.67 1.09 8.44
N GLY B 209 -3.89 1.27 9.50
CA GLY B 209 -2.46 1.03 9.50
C GLY B 209 -1.63 2.26 9.36
N LEU B 210 -2.11 3.43 9.80
CA LEU B 210 -1.23 4.59 9.79
C LEU B 210 -0.54 4.82 11.11
N VAL B 211 -0.82 3.98 12.08
CA VAL B 211 -0.34 4.21 13.44
C VAL B 211 0.15 2.86 13.89
N THR B 212 1.15 2.88 14.78
CA THR B 212 1.82 1.65 15.17
C THR B 212 1.08 0.94 16.32
N ALA B 213 0.46 1.72 17.20
CA ALA B 213 -0.13 1.18 18.41
C ALA B 213 -0.98 2.24 19.08
N VAL B 214 -2.07 1.81 19.70
CA VAL B 214 -2.92 2.67 20.51
C VAL B 214 -2.98 2.09 21.93
N TYR B 215 -2.84 2.98 22.92
CA TYR B 215 -2.94 2.54 24.31
C TYR B 215 -4.08 3.31 24.98
N PRO B 216 -4.65 2.76 26.08
CA PRO B 216 -5.56 3.59 26.91
C PRO B 216 -4.84 4.78 27.54
N ALA B 217 -5.49 5.94 27.61
CA ALA B 217 -4.85 7.12 28.25
C ALA B 217 -4.05 6.85 29.54
N ASP B 218 -4.52 5.91 30.36
CA ASP B 218 -3.96 5.66 31.71
C ASP B 218 -2.85 4.61 31.72
N GLU B 219 -2.70 3.90 30.62
CA GLU B 219 -1.54 3.05 30.43
C GLU B 219 -0.51 3.69 29.48
N PHE B 220 -0.90 4.78 28.83
CA PHE B 220 -0.16 5.34 27.71
C PHE B 220 1.32 5.54 28.01
N GLU B 221 1.65 6.44 28.93
CA GLU B 221 3.06 6.78 29.18
C GLU B 221 3.91 5.58 29.56
N ALA B 222 3.31 4.63 30.28
CA ALA B 222 4.06 3.47 30.73
C ALA B 222 4.38 2.54 29.58
N GLU B 223 3.41 2.37 28.68
CA GLU B 223 3.61 1.54 27.49
C GLU B 223 4.61 2.20 26.52
N VAL B 224 4.48 3.51 26.35
CA VAL B 224 5.47 4.29 25.59
C VAL B 224 6.88 4.01 26.09
N ASP B 225 7.08 4.05 27.41
CA ASP B 225 8.47 3.92 27.96
C ASP B 225 8.99 2.52 27.80
N LYS B 226 8.11 1.52 27.85
CA LYS B 226 8.50 0.14 27.54
C LYS B 226 8.98 0.02 26.11
N VAL B 227 8.33 0.75 25.18
CA VAL B 227 8.69 0.67 23.76
C VAL B 227 10.06 1.33 23.55
N ILE B 228 10.18 2.56 24.02
CA ILE B 228 11.48 3.25 24.02
C ILE B 228 12.56 2.32 24.60
N ALA B 229 12.30 1.80 25.80
CA ALA B 229 13.28 0.95 26.51
C ALA B 229 13.61 -0.23 25.63
N ARG B 230 12.62 -0.75 24.92
CA ARG B 230 12.81 -1.86 24.00
C ARG B 230 13.75 -1.44 22.88
N LEU B 231 13.51 -0.27 22.31
CA LEU B 231 14.40 0.26 21.28
C LEU B 231 15.83 0.44 21.80
N LEU B 232 15.97 1.11 22.95
CA LEU B 232 17.30 1.28 23.61
C LEU B 232 18.11 0.00 23.75
N SER B 233 17.43 -1.13 24.00
CA SER B 233 18.11 -2.45 24.15
C SER B 233 18.56 -3.05 22.86
N GLY B 234 18.22 -2.46 21.73
CA GLY B 234 18.36 -3.13 20.44
C GLY B 234 19.66 -2.78 19.77
N PRO B 235 20.00 -3.47 18.68
CA PRO B 235 21.25 -3.20 17.99
C PRO B 235 21.16 -1.92 17.15
N ALA B 236 22.02 -0.96 17.46
CA ALA B 236 21.84 0.42 17.00
C ALA B 236 22.18 0.62 15.54
N VAL B 237 23.14 -0.15 15.03
CA VAL B 237 23.52 0.00 13.64
C VAL B 237 22.58 -0.78 12.77
N ALA B 238 22.16 -1.96 13.21
CA ALA B 238 21.17 -2.71 12.46
C ALA B 238 19.86 -1.93 12.37
N PHE B 239 19.46 -1.25 13.45
CA PHE B 239 18.23 -0.42 13.43
C PHE B 239 18.34 0.75 12.44
N ALA B 240 19.54 1.35 12.36
CA ALA B 240 19.75 2.50 11.49
C ALA B 240 19.60 2.09 10.00
N LYS B 241 20.12 0.92 9.64
CA LYS B 241 20.15 0.45 8.25
C LYS B 241 18.77 -0.07 7.85
N THR B 242 18.01 -0.51 8.85
CA THR B 242 16.71 -1.08 8.68
C THR B 242 15.77 0.04 8.35
N LYS B 243 15.80 1.06 9.21
CA LYS B 243 14.98 2.25 9.04
C LYS B 243 15.28 2.95 7.74
N LEU B 244 16.55 3.02 7.34
CA LEU B 244 16.90 3.78 6.12
C LEU B 244 16.53 2.97 4.89
N ALA B 245 16.71 1.66 4.97
CA ALA B 245 16.31 0.77 3.90
C ALA B 245 14.82 0.84 3.68
N ILE B 246 14.05 0.85 4.75
CA ILE B 246 12.61 0.83 4.58
C ILE B 246 12.15 2.17 4.00
N ASN B 247 12.79 3.27 4.39
CA ASN B 247 12.46 4.55 3.88
C ASN B 247 12.85 4.71 2.41
N ALA B 248 14.02 4.24 2.03
CA ALA B 248 14.41 4.23 0.63
C ALA B 248 13.41 3.48 -0.24
N ALA B 249 12.89 2.34 0.21
CA ALA B 249 11.84 1.66 -0.55
C ALA B 249 10.49 2.36 -0.63
N THR B 250 10.12 3.13 0.40
CA THR B 250 8.72 3.61 0.51
C THR B 250 8.49 5.09 0.24
N LEU B 251 9.55 5.86 0.35
CA LEU B 251 9.54 7.28 0.30
C LEU B 251 10.34 7.86 -0.87
N THR B 252 10.45 7.10 -1.96
CA THR B 252 11.03 7.62 -3.22
C THR B 252 10.29 8.85 -3.74
N GLU B 253 9.03 9.03 -3.39
CA GLU B 253 8.23 10.17 -3.87
C GLU B 253 8.12 11.28 -2.87
N LEU B 254 8.82 11.16 -1.76
CA LEU B 254 8.65 12.14 -0.68
C LEU B 254 9.26 13.46 -1.09
N ASP B 255 10.52 13.45 -1.54
CA ASP B 255 11.18 14.70 -1.95
C ASP B 255 10.49 15.43 -3.10
N PRO B 256 10.09 14.73 -4.15
CA PRO B 256 9.32 15.45 -5.14
C PRO B 256 8.02 15.96 -4.59
N ALA B 257 7.41 15.22 -3.66
CA ALA B 257 6.17 15.66 -3.06
C ALA B 257 6.40 16.95 -2.24
N LEU B 258 7.51 17.01 -1.52
CA LEU B 258 7.79 18.24 -0.76
C LEU B 258 7.83 19.45 -1.73
N GLN B 259 8.46 19.26 -2.88
CA GLN B 259 8.56 20.30 -3.92
C GLN B 259 7.21 20.71 -4.53
N ARG B 260 6.40 19.75 -4.97
CA ARG B 260 5.08 20.09 -5.50
C ARG B 260 4.21 20.78 -4.46
N GLU B 261 4.28 20.34 -3.22
CA GLU B 261 3.55 21.00 -2.13
C GLU B 261 4.00 22.43 -1.98
N PHE B 262 5.31 22.65 -1.94
CA PHE B 262 5.81 24.00 -1.83
C PHE B 262 5.25 24.88 -2.95
N ASP B 263 5.32 24.38 -4.18
CA ASP B 263 4.87 25.12 -5.34
C ASP B 263 3.36 25.40 -5.33
N GLY B 264 2.61 24.48 -4.76
CA GLY B 264 1.16 24.56 -4.76
C GLY B 264 0.62 25.46 -3.66
N GLN B 265 1.07 25.25 -2.40
CA GLN B 265 0.63 26.05 -1.24
C GLN B 265 0.94 27.49 -1.50
N SER B 266 2.16 27.72 -2.00
CA SER B 266 2.68 29.04 -2.35
C SER B 266 1.60 29.80 -3.04
N VAL B 267 1.11 29.26 -4.18
CA VAL B 267 0.01 29.86 -4.92
C VAL B 267 -1.29 29.98 -4.12
N LEU B 268 -1.68 28.90 -3.46
CA LEU B 268 -2.97 28.88 -2.75
C LEU B 268 -2.97 29.81 -1.51
N LEU B 269 -1.78 30.07 -0.98
CA LEU B 269 -1.63 30.87 0.22
C LEU B 269 -1.82 32.32 -0.06
N LYS B 270 -1.67 32.71 -1.32
CA LYS B 270 -1.86 34.09 -1.68
C LYS B 270 -3.03 34.16 -2.62
N SER B 271 -4.02 33.35 -2.34
CA SER B 271 -5.22 33.26 -3.20
C SER B 271 -6.45 33.58 -2.35
N PRO B 272 -7.51 34.08 -2.99
CA PRO B 272 -8.77 34.42 -2.31
C PRO B 272 -9.29 33.32 -1.40
N ASP B 273 -9.39 32.10 -1.93
CA ASP B 273 -9.96 31.01 -1.19
C ASP B 273 -9.28 30.80 0.15
N PHE B 274 -7.98 31.15 0.28
CA PHE B 274 -7.30 31.04 1.61
C PHE B 274 -7.78 32.13 2.53
N VAL B 275 -7.77 33.36 2.01
CA VAL B 275 -8.26 34.50 2.77
C VAL B 275 -9.65 34.17 3.33
N GLU B 276 -10.59 33.92 2.43
CA GLU B 276 -11.94 33.57 2.83
C GLU B 276 -12.00 32.39 3.81
N GLY B 277 -11.14 31.40 3.63
CA GLY B 277 -11.15 30.18 4.45
C GLY B 277 -10.55 30.40 5.82
N ALA B 278 -9.46 31.18 5.88
CA ALA B 278 -8.85 31.59 7.16
C ALA B 278 -9.80 32.45 8.00
N THR B 279 -10.36 33.47 7.35
CA THR B 279 -11.39 34.36 7.92
C THR B 279 -12.62 33.62 8.47
N ALA B 280 -13.22 32.72 7.68
CA ALA B 280 -14.44 32.00 8.11
C ALA B 280 -14.23 31.01 9.29
N PHE B 281 -12.99 30.58 9.50
CA PHE B 281 -12.58 29.85 10.71
C PHE B 281 -12.45 30.84 11.88
N GLN B 282 -11.76 31.96 11.65
CA GLN B 282 -11.64 33.03 12.63
C GLN B 282 -13.04 33.32 13.23
N GLN B 283 -14.00 33.74 12.40
CA GLN B 283 -15.37 33.92 12.89
C GLN B 283 -16.18 32.61 12.83
N PRO B 287 -17.34 29.05 5.22
CA PRO B 287 -16.66 29.82 4.19
C PRO B 287 -17.35 29.76 2.84
N ASN B 288 -17.16 30.79 2.04
CA ASN B 288 -17.72 30.84 0.70
C ASN B 288 -16.59 30.94 -0.34
N PHE B 289 -16.28 29.82 -0.97
CA PHE B 289 -15.10 29.68 -1.82
C PHE B 289 -15.46 29.89 -3.26
N THR B 290 -14.62 30.61 -4.02
CA THR B 290 -14.94 30.89 -5.42
C THR B 290 -13.83 30.70 -6.50
N ASP B 291 -12.65 30.19 -6.18
CA ASP B 291 -11.52 30.34 -7.12
C ASP B 291 -11.54 29.50 -8.41
N PRO C 33 -22.58 13.16 -28.12
CA PRO C 33 -23.86 12.52 -28.48
C PRO C 33 -23.72 11.01 -28.69
N VAL C 34 -23.93 10.20 -27.64
CA VAL C 34 -23.54 8.78 -27.70
C VAL C 34 -24.58 7.78 -27.15
N ALA C 35 -24.80 6.71 -27.91
CA ALA C 35 -25.83 5.77 -27.57
C ALA C 35 -25.40 4.88 -26.38
N GLY C 36 -26.23 4.86 -25.34
CA GLY C 36 -25.99 4.04 -24.14
C GLY C 36 -25.33 4.83 -23.02
N LEU C 37 -25.15 6.14 -23.22
CA LEU C 37 -24.36 6.96 -22.32
C LEU C 37 -24.90 8.39 -22.16
N ASP C 38 -25.38 8.69 -20.95
CA ASP C 38 -25.88 10.02 -20.64
C ASP C 38 -24.81 10.86 -19.92
N VAL C 39 -24.59 12.06 -20.45
CA VAL C 39 -23.69 13.04 -19.87
C VAL C 39 -24.46 14.32 -19.59
N THR C 40 -24.19 14.94 -18.45
CA THR C 40 -24.97 16.04 -17.93
C THR C 40 -24.06 16.90 -17.06
N LEU C 41 -24.19 18.20 -17.21
CA LEU C 41 -23.60 19.14 -16.30
C LEU C 41 -24.77 19.78 -15.57
N SER C 42 -24.61 20.06 -14.29
CA SER C 42 -25.64 20.74 -13.52
C SER C 42 -25.09 22.03 -12.91
N ASP C 43 -25.30 22.21 -11.62
CA ASP C 43 -24.70 23.30 -10.89
C ASP C 43 -23.26 22.87 -10.56
N GLY C 44 -22.40 22.82 -11.58
CA GLY C 44 -20.99 22.44 -11.45
C GLY C 44 -20.71 20.94 -11.31
N VAL C 45 -21.73 20.13 -11.55
CA VAL C 45 -21.69 18.70 -11.36
C VAL C 45 -21.86 17.96 -12.69
N PHE C 46 -20.81 17.29 -13.08
CA PHE C 46 -20.72 16.66 -14.38
C PHE C 46 -20.96 15.20 -14.09
N SER C 47 -22.12 14.68 -14.50
CA SER C 47 -22.43 13.28 -14.30
C SER C 47 -22.22 12.54 -15.57
N VAL C 48 -21.88 11.28 -15.43
CA VAL C 48 -21.59 10.44 -16.55
C VAL C 48 -22.21 9.11 -16.16
N THR C 49 -23.20 8.69 -16.93
CA THR C 49 -23.99 7.56 -16.53
C THR C 49 -24.16 6.57 -17.69
N ILE C 50 -23.60 5.37 -17.51
CA ILE C 50 -23.71 4.30 -18.49
C ILE C 50 -25.16 3.82 -18.40
N ASN C 51 -25.74 3.43 -19.55
CA ASN C 51 -27.18 3.15 -19.65
C ASN C 51 -27.50 1.93 -20.49
N ARG C 52 -26.81 0.85 -20.21
CA ARG C 52 -27.06 -0.40 -20.86
C ARG C 52 -27.52 -1.41 -19.81
N PRO C 53 -28.59 -1.05 -19.07
CA PRO C 53 -29.01 -1.82 -17.90
C PRO C 53 -29.19 -3.29 -18.22
N ASP C 54 -29.95 -3.57 -19.27
CA ASP C 54 -30.07 -4.89 -19.90
C ASP C 54 -28.82 -5.85 -19.72
N SER C 55 -27.61 -5.34 -19.96
CA SER C 55 -26.37 -6.14 -19.84
C SER C 55 -25.49 -5.75 -18.64
N LEU C 56 -26.05 -4.94 -17.74
CA LEU C 56 -25.45 -4.59 -16.45
C LEU C 56 -24.38 -3.53 -16.69
N ASN C 57 -24.74 -2.62 -17.59
CA ASN C 57 -23.87 -1.56 -18.07
C ASN C 57 -22.54 -2.06 -18.70
N SER C 58 -22.61 -3.10 -19.55
CA SER C 58 -21.49 -3.58 -20.43
C SER C 58 -20.86 -2.43 -21.18
N LEU C 59 -19.65 -2.60 -21.70
CA LEU C 59 -18.98 -1.50 -22.39
C LEU C 59 -18.61 -1.88 -23.82
N THR C 60 -19.15 -1.14 -24.78
CA THR C 60 -18.76 -1.27 -26.18
C THR C 60 -17.74 -0.22 -26.43
N VAL C 61 -17.13 -0.26 -27.60
CA VAL C 61 -16.10 0.70 -27.94
C VAL C 61 -16.65 2.13 -28.08
N PRO C 62 -17.74 2.32 -28.87
CA PRO C 62 -18.35 3.66 -28.93
C PRO C 62 -18.54 4.32 -27.56
N VAL C 63 -19.04 3.54 -26.60
CA VAL C 63 -19.30 4.05 -25.26
C VAL C 63 -18.04 4.33 -24.42
N ILE C 64 -17.06 3.43 -24.48
CA ILE C 64 -15.77 3.67 -23.84
C ILE C 64 -15.19 4.94 -24.43
N THR C 65 -15.22 5.08 -25.76
CA THR C 65 -14.78 6.31 -26.43
C THR C 65 -15.51 7.54 -25.91
N GLY C 66 -16.75 7.35 -25.49
CA GLY C 66 -17.58 8.46 -25.02
C GLY C 66 -17.18 9.01 -23.67
N ILE C 67 -16.99 8.10 -22.71
CA ILE C 67 -16.58 8.43 -21.34
C ILE C 67 -15.20 9.09 -21.43
N ALA C 68 -14.31 8.46 -22.18
CA ALA C 68 -13.02 9.06 -22.43
C ALA C 68 -13.18 10.49 -22.93
N ASP C 69 -13.98 10.72 -23.97
CA ASP C 69 -14.13 12.09 -24.56
C ASP C 69 -14.71 13.07 -23.55
N ALA C 70 -15.77 12.61 -22.89
CA ALA C 70 -16.38 13.32 -21.79
C ALA C 70 -15.39 13.67 -20.63
N MSE C 71 -14.52 12.72 -20.26
CA MSE C 71 -13.55 13.04 -19.20
C MSE C 71 -12.57 14.09 -19.72
O MSE C 71 -12.27 15.05 -19.02
CB MSE C 71 -12.82 11.82 -18.68
CG MSE C 71 -13.76 10.84 -18.04
SE MSE C 71 -14.57 11.64 -16.44
CE MSE C 71 -16.03 10.36 -16.32
N GLU C 72 -12.09 13.93 -20.94
CA GLU C 72 -11.23 14.98 -21.52
C GLU C 72 -11.95 16.34 -21.58
N TYR C 73 -13.19 16.36 -22.10
CA TYR C 73 -13.97 17.61 -22.16
C TYR C 73 -14.05 18.32 -20.79
N ALA C 74 -14.29 17.54 -19.75
CA ALA C 74 -14.50 18.07 -18.42
C ALA C 74 -13.26 18.71 -17.80
N ALA C 75 -12.07 18.44 -18.34
CA ALA C 75 -10.85 19.09 -17.85
C ALA C 75 -10.75 20.53 -18.34
N THR C 76 -11.37 20.82 -19.50
CA THR C 76 -11.31 22.16 -20.12
C THR C 76 -12.36 23.09 -19.49
N ASP C 77 -13.54 22.53 -19.26
CA ASP C 77 -14.73 23.34 -18.97
C ASP C 77 -14.73 23.95 -17.54
N PRO C 78 -14.67 25.31 -17.46
CA PRO C 78 -14.49 25.95 -16.15
C PRO C 78 -15.72 25.85 -15.23
N GLU C 79 -16.89 25.56 -15.81
CA GLU C 79 -18.11 25.27 -15.04
C GLU C 79 -18.10 23.99 -14.20
N VAL C 80 -17.18 23.08 -14.52
CA VAL C 80 -17.12 21.77 -13.85
C VAL C 80 -16.36 21.92 -12.55
N LYS C 81 -16.96 21.44 -11.46
CA LYS C 81 -16.27 21.40 -10.15
C LYS C 81 -16.12 19.99 -9.58
N VAL C 82 -17.08 19.10 -9.86
CA VAL C 82 -17.04 17.72 -9.37
C VAL C 82 -17.53 16.87 -10.49
N VAL C 83 -17.09 15.60 -10.54
CA VAL C 83 -17.44 14.68 -11.61
C VAL C 83 -17.92 13.34 -11.01
N ARG C 84 -19.04 12.81 -11.47
CA ARG C 84 -19.49 11.52 -10.97
C ARG C 84 -19.72 10.57 -12.11
N ILE C 85 -19.21 9.35 -11.96
CA ILE C 85 -19.48 8.28 -12.92
C ILE C 85 -20.35 7.32 -12.20
N GLY C 86 -21.30 6.76 -12.93
CA GLY C 86 -22.14 5.70 -12.45
C GLY C 86 -22.78 4.96 -13.60
N GLY C 87 -23.63 3.98 -13.25
CA GLY C 87 -24.35 3.17 -14.21
C GLY C 87 -25.78 2.96 -13.76
N ALA C 88 -26.73 2.90 -14.72
CA ALA C 88 -28.17 2.86 -14.40
C ALA C 88 -28.68 1.50 -13.90
N GLY C 89 -29.70 1.55 -13.05
CA GLY C 89 -30.35 0.37 -12.53
C GLY C 89 -29.52 -0.39 -11.51
N ARG C 90 -29.42 -1.70 -11.67
CA ARG C 90 -28.84 -2.58 -10.65
C ARG C 90 -27.32 -2.44 -10.53
N GLY C 91 -26.63 -2.42 -11.66
CA GLY C 91 -25.16 -2.51 -11.72
C GLY C 91 -24.46 -1.18 -11.90
N PHE C 92 -23.15 -1.20 -11.66
CA PHE C 92 -22.28 -0.07 -11.94
C PHE C 92 -21.72 -0.24 -13.36
N SER C 93 -20.92 -1.28 -13.58
CA SER C 93 -20.61 -1.81 -14.92
C SER C 93 -19.95 -3.16 -14.82
N SER C 94 -20.40 -4.07 -15.69
CA SER C 94 -19.83 -5.41 -15.80
C SER C 94 -18.57 -5.44 -16.65
N GLY C 95 -18.12 -4.28 -17.09
CA GLY C 95 -16.83 -4.18 -17.74
C GLY C 95 -16.99 -4.33 -19.23
N ALA C 96 -15.91 -4.75 -19.90
CA ALA C 96 -15.89 -4.75 -21.37
C ALA C 96 -16.95 -5.72 -21.86
N GLY C 97 -17.69 -5.35 -22.90
CA GLY C 97 -18.79 -6.18 -23.41
C GLY C 97 -18.30 -7.44 -24.10
N ILE C 98 -19.08 -8.51 -23.97
CA ILE C 98 -18.65 -9.88 -24.31
C ILE C 98 -19.83 -10.92 -24.38
N ASP C 112 -5.70 -4.01 -30.22
CA ASP C 112 -7.01 -3.55 -30.61
C ASP C 112 -7.35 -2.18 -29.95
N GLU C 113 -8.26 -1.46 -30.58
CA GLU C 113 -8.64 -0.11 -30.18
C GLU C 113 -9.33 -0.07 -28.78
N ILE C 114 -10.03 -1.14 -28.40
CA ILE C 114 -10.71 -1.19 -27.09
C ILE C 114 -9.69 -0.77 -26.02
N ILE C 115 -8.53 -1.39 -26.06
CA ILE C 115 -7.56 -1.16 -25.02
C ILE C 115 -6.98 0.25 -25.04
N LEU C 116 -6.66 0.73 -26.24
CA LEU C 116 -6.14 2.10 -26.40
C LEU C 116 -7.11 3.11 -25.83
N GLU C 117 -8.40 2.82 -25.90
CA GLU C 117 -9.38 3.77 -25.49
C GLU C 117 -9.66 3.62 -24.00
N ILE C 118 -9.61 2.38 -23.50
CA ILE C 118 -9.61 2.13 -22.06
C ILE C 118 -8.53 3.01 -21.47
N ASN C 119 -7.35 2.93 -22.09
CA ASN C 119 -6.19 3.65 -21.57
C ASN C 119 -6.45 5.14 -21.61
N ARG C 120 -6.98 5.64 -22.72
CA ARG C 120 -7.36 7.04 -22.82
C ARG C 120 -8.27 7.42 -21.70
N LEU C 121 -9.30 6.63 -21.48
CA LEU C 121 -10.28 6.91 -20.44
C LEU C 121 -9.57 7.06 -19.08
N VAL C 122 -8.84 6.01 -18.71
CA VAL C 122 -8.14 5.96 -17.45
C VAL C 122 -7.21 7.15 -17.25
N ARG C 123 -6.41 7.48 -18.25
CA ARG C 123 -5.57 8.68 -18.16
C ARG C 123 -6.38 9.93 -18.01
N ALA C 124 -7.56 9.97 -18.60
CA ALA C 124 -8.35 11.21 -18.57
C ALA C 124 -8.83 11.42 -17.15
N ILE C 125 -9.24 10.33 -16.49
CA ILE C 125 -9.65 10.44 -15.10
C ILE C 125 -8.52 10.88 -14.19
N ALA C 126 -7.37 10.26 -14.28
CA ALA C 126 -6.20 10.62 -13.44
C ALA C 126 -5.72 12.06 -13.69
N ALA C 127 -5.81 12.49 -14.93
CA ALA C 127 -5.37 13.84 -15.30
C ALA C 127 -6.41 14.95 -14.97
N LEU C 128 -7.63 14.58 -14.58
CA LEU C 128 -8.72 15.56 -14.40
C LEU C 128 -8.59 16.47 -13.13
N PRO C 129 -8.37 17.79 -13.30
CA PRO C 129 -8.15 18.71 -12.16
C PRO C 129 -9.37 18.99 -11.24
N HIS C 130 -10.18 17.96 -11.00
CA HIS C 130 -11.31 18.08 -10.16
C HIS C 130 -11.51 16.77 -9.46
N PRO C 131 -12.23 16.79 -8.34
CA PRO C 131 -12.52 15.50 -7.73
C PRO C 131 -13.40 14.68 -8.65
N VAL C 132 -13.05 13.42 -8.84
CA VAL C 132 -13.85 12.50 -9.65
C VAL C 132 -14.42 11.41 -8.76
N VAL C 133 -15.74 11.25 -8.75
CA VAL C 133 -16.42 10.37 -7.82
C VAL C 133 -17.03 9.19 -8.50
N ALA C 134 -16.72 7.98 -8.03
CA ALA C 134 -17.35 6.75 -8.49
C ALA C 134 -18.45 6.29 -7.56
N VAL C 135 -19.61 6.07 -8.14
CA VAL C 135 -20.82 5.82 -7.42
C VAL C 135 -21.25 4.40 -7.73
N VAL C 136 -20.97 3.49 -6.82
CA VAL C 136 -21.06 2.08 -7.12
C VAL C 136 -22.28 1.48 -6.39
N GLN C 137 -23.43 1.33 -7.08
CA GLN C 137 -24.67 0.87 -6.40
C GLN C 137 -24.78 -0.63 -6.48
N GLY C 138 -24.07 -1.26 -7.41
CA GLY C 138 -24.13 -2.71 -7.51
C GLY C 138 -22.85 -3.34 -8.01
N PRO C 139 -22.95 -4.38 -8.84
CA PRO C 139 -21.72 -5.05 -9.32
C PRO C 139 -20.78 -4.15 -10.11
N ALA C 140 -19.47 -4.33 -9.84
CA ALA C 140 -18.37 -3.75 -10.62
C ALA C 140 -17.48 -4.91 -11.04
N ALA C 141 -17.24 -5.05 -12.33
CA ALA C 141 -16.44 -6.18 -12.80
C ALA C 141 -15.52 -5.79 -13.94
N GLY C 142 -14.38 -6.46 -14.03
CA GLY C 142 -13.37 -6.13 -15.05
C GLY C 142 -13.01 -4.65 -15.10
N VAL C 143 -12.94 -4.06 -16.30
CA VAL C 143 -12.57 -2.64 -16.36
C VAL C 143 -13.52 -1.73 -15.66
N GLY C 144 -14.70 -2.21 -15.31
CA GLY C 144 -15.60 -1.39 -14.51
C GLY C 144 -14.90 -1.06 -13.21
N VAL C 145 -14.20 -2.06 -12.67
CA VAL C 145 -13.47 -1.89 -11.44
C VAL C 145 -12.31 -0.94 -11.67
N SER C 146 -11.57 -1.13 -12.77
CA SER C 146 -10.44 -0.27 -13.04
C SER C 146 -10.87 1.17 -13.09
N ILE C 147 -11.99 1.42 -13.73
CA ILE C 147 -12.51 2.79 -13.83
C ILE C 147 -12.83 3.37 -12.48
N ALA C 148 -13.54 2.62 -11.65
CA ALA C 148 -13.77 3.02 -10.27
C ALA C 148 -12.51 3.36 -9.55
N LEU C 149 -11.51 2.49 -9.67
CA LEU C 149 -10.31 2.66 -8.89
C LEU C 149 -9.40 3.71 -9.40
N ALA C 150 -9.65 4.20 -10.59
CA ALA C 150 -8.92 5.33 -11.10
C ALA C 150 -9.48 6.58 -10.52
N CYS C 151 -10.70 6.51 -10.01
CA CYS C 151 -11.33 7.70 -9.47
C CYS C 151 -10.66 8.12 -8.14
N ASP C 152 -11.13 9.23 -7.56
CA ASP C 152 -10.55 9.81 -6.33
C ASP C 152 -11.31 9.41 -5.09
N VAL C 153 -12.60 9.24 -5.28
CA VAL C 153 -13.48 8.91 -4.22
C VAL C 153 -14.34 7.77 -4.74
N VAL C 154 -14.47 6.71 -3.96
CA VAL C 154 -15.34 5.62 -4.35
C VAL C 154 -16.38 5.36 -3.26
N LEU C 155 -17.64 5.65 -3.60
CA LEU C 155 -18.78 5.45 -2.70
C LEU C 155 -19.51 4.18 -3.14
N ALA C 156 -19.66 3.25 -2.22
CA ALA C 156 -20.32 2.01 -2.48
C ALA C 156 -21.58 1.79 -1.60
N SER C 157 -22.57 1.13 -2.20
CA SER C 157 -23.71 0.55 -1.52
C SER C 157 -23.32 -0.77 -0.85
N GLU C 158 -24.01 -1.12 0.22
CA GLU C 158 -23.83 -2.45 0.79
C GLU C 158 -24.18 -3.53 -0.25
N ASN C 159 -24.98 -3.20 -1.26
CA ASN C 159 -25.28 -4.13 -2.37
C ASN C 159 -24.14 -4.37 -3.36
N ALA C 160 -23.21 -3.43 -3.43
CA ALA C 160 -22.11 -3.49 -4.37
C ALA C 160 -21.12 -4.58 -4.06
N PHE C 161 -20.45 -5.04 -5.12
CA PHE C 161 -19.24 -5.83 -4.98
C PHE C 161 -18.29 -5.59 -6.13
N PHE C 162 -17.03 -5.98 -5.91
CA PHE C 162 -15.98 -5.78 -6.85
C PHE C 162 -15.38 -7.10 -7.29
N MSE C 163 -15.09 -7.21 -8.57
CA MSE C 163 -14.43 -8.41 -9.04
C MSE C 163 -13.62 -8.20 -10.29
O MSE C 163 -14.15 -7.85 -11.35
CB MSE C 163 -15.44 -9.51 -9.30
CG MSE C 163 -14.61 -10.71 -9.73
SE MSE C 163 -15.73 -12.30 -9.62
CE MSE C 163 -17.03 -11.62 -10.95
N LEU C 164 -12.32 -8.43 -10.17
CA LEU C 164 -11.44 -8.41 -11.29
C LEU C 164 -11.60 -9.71 -12.06
N ALA C 165 -12.57 -9.73 -12.96
CA ALA C 165 -13.01 -10.96 -13.64
C ALA C 165 -12.08 -11.43 -14.74
N PHE C 166 -11.21 -10.56 -15.22
CA PHE C 166 -10.47 -10.80 -16.45
C PHE C 166 -10.05 -12.27 -16.64
N THR C 167 -9.49 -12.79 -15.59
CA THR C 167 -8.80 -14.08 -15.60
C THR C 167 -9.75 -15.29 -15.75
N LYS C 168 -11.04 -15.10 -15.47
CA LYS C 168 -12.05 -16.14 -15.64
C LYS C 168 -12.33 -16.41 -17.10
N ILE C 169 -11.92 -15.49 -17.96
CA ILE C 169 -12.18 -15.59 -19.37
C ILE C 169 -10.89 -15.50 -20.17
N GLY C 170 -9.75 -15.73 -19.50
CA GLY C 170 -8.48 -15.84 -20.18
C GLY C 170 -7.85 -14.51 -20.55
N LEU C 171 -8.18 -13.46 -19.83
CA LEU C 171 -7.50 -12.18 -19.97
C LEU C 171 -6.68 -11.75 -18.73
N MSE C 172 -5.89 -10.70 -18.89
CA MSE C 172 -5.16 -10.06 -17.80
C MSE C 172 -5.86 -8.79 -17.42
O MSE C 172 -6.73 -8.31 -18.16
CB MSE C 172 -3.72 -9.85 -18.26
CG MSE C 172 -3.58 -8.55 -19.00
SE MSE C 172 -1.78 -8.32 -19.69
CE MSE C 172 -0.74 -7.51 -18.21
N PRO C 173 -5.50 -8.22 -16.27
CA PRO C 173 -6.14 -6.94 -15.88
C PRO C 173 -5.76 -5.84 -16.82
N ASP C 174 -6.70 -5.01 -17.21
CA ASP C 174 -6.32 -3.86 -18.03
C ASP C 174 -6.91 -2.62 -17.39
N GLY C 175 -6.81 -1.48 -18.04
CA GLY C 175 -7.28 -0.22 -17.45
C GLY C 175 -6.47 0.26 -16.23
N GLY C 176 -5.23 -0.16 -16.17
CA GLY C 176 -4.35 0.21 -15.08
C GLY C 176 -4.56 -0.54 -13.79
N ALA C 177 -5.47 -1.52 -13.78
CA ALA C 177 -5.71 -2.37 -12.63
C ALA C 177 -4.42 -3.01 -12.02
N SER C 178 -3.41 -3.34 -12.84
CA SER C 178 -2.10 -3.83 -12.33
C SER C 178 -1.33 -2.83 -11.43
N ALA C 179 -1.68 -1.54 -11.52
CA ALA C 179 -1.12 -0.49 -10.67
C ALA C 179 -2.15 0.01 -9.69
N LEU C 180 -3.37 0.23 -10.18
CA LEU C 180 -4.42 0.91 -9.39
C LEU C 180 -4.95 0.13 -8.17
N VAL C 181 -5.22 -1.14 -8.34
CA VAL C 181 -5.62 -1.91 -7.18
C VAL C 181 -4.54 -1.95 -6.04
N ALA C 182 -3.30 -2.29 -6.38
CA ALA C 182 -2.22 -2.35 -5.39
C ALA C 182 -1.96 -1.01 -4.73
N ALA C 183 -2.12 0.06 -5.51
CA ALA C 183 -1.92 1.40 -4.99
C ALA C 183 -2.86 1.68 -3.82
N ALA C 184 -3.99 0.99 -3.77
CA ALA C 184 -4.92 1.19 -2.65
C ALA C 184 -4.76 0.13 -1.56
N VAL C 185 -4.63 -1.15 -1.93
CA VAL C 185 -4.73 -2.25 -0.97
C VAL C 185 -3.44 -3.06 -0.80
N GLY C 186 -2.38 -2.75 -1.57
CA GLY C 186 -1.12 -3.48 -1.55
C GLY C 186 -1.02 -4.72 -2.48
N ARG C 187 0.20 -5.21 -2.61
CA ARG C 187 0.51 -6.26 -3.54
C ARG C 187 -0.20 -7.62 -3.32
N ILE C 188 -0.23 -8.15 -2.09
CA ILE C 188 -0.78 -9.49 -1.85
C ILE C 188 -2.27 -9.53 -2.21
N ARG C 189 -2.98 -8.49 -1.78
CA ARG C 189 -4.38 -8.34 -2.12
C ARG C 189 -4.66 -8.11 -3.61
N ALA C 190 -3.81 -7.35 -4.30
CA ALA C 190 -4.02 -7.13 -5.72
C ALA C 190 -3.96 -8.48 -6.44
N MSE C 191 -2.93 -9.23 -6.09
CA MSE C 191 -2.59 -10.49 -6.71
C MSE C 191 -3.70 -11.49 -6.42
O MSE C 191 -4.07 -12.27 -7.27
CB MSE C 191 -1.23 -10.80 -6.11
CG MSE C 191 -0.50 -11.91 -6.85
SE MSE C 191 0.17 -11.34 -8.60
CE MSE C 191 1.90 -10.59 -8.04
N GLN C 192 -4.29 -11.41 -5.25
CA GLN C 192 -5.40 -12.27 -4.93
C GLN C 192 -6.62 -11.96 -5.79
N MSE C 193 -6.94 -10.68 -5.93
CA MSE C 193 -8.10 -10.31 -6.67
C MSE C 193 -7.92 -10.71 -8.09
O MSE C 193 -8.86 -11.12 -8.76
CB MSE C 193 -8.34 -8.82 -6.65
CG MSE C 193 -8.95 -8.42 -5.30
SE MSE C 193 -9.40 -6.48 -5.33
CE MSE C 193 -11.01 -6.59 -6.47
N ALA C 194 -6.68 -10.60 -8.57
CA ALA C 194 -6.39 -10.82 -9.98
C ALA C 194 -6.27 -12.30 -10.32
N LEU C 195 -5.58 -13.08 -9.47
CA LEU C 195 -5.35 -14.49 -9.75
C LEU C 195 -6.47 -15.39 -9.25
N LEU C 196 -7.18 -14.96 -8.21
CA LEU C 196 -8.22 -15.78 -7.61
C LEU C 196 -9.45 -14.94 -7.49
N PRO C 197 -9.90 -14.38 -8.61
CA PRO C 197 -11.01 -13.46 -8.49
C PRO C 197 -12.20 -14.06 -7.75
N GLU C 198 -12.81 -13.23 -6.90
CA GLU C 198 -14.01 -13.54 -6.10
C GLU C 198 -14.84 -12.26 -6.01
N ARG C 199 -16.12 -12.39 -5.71
CA ARG C 199 -16.99 -11.23 -5.51
C ARG C 199 -16.62 -10.65 -4.17
N LEU C 200 -15.90 -9.55 -4.20
CA LEU C 200 -15.46 -8.89 -2.97
C LEU C 200 -16.55 -7.89 -2.52
N PRO C 201 -17.31 -8.20 -1.43
CA PRO C 201 -18.39 -7.29 -1.01
C PRO C 201 -17.91 -5.96 -0.42
N ALA C 202 -18.66 -4.92 -0.76
CA ALA C 202 -18.38 -3.56 -0.37
C ALA C 202 -17.74 -3.49 1.00
N ALA C 203 -18.37 -4.12 1.97
CA ALA C 203 -17.98 -3.90 3.32
C ALA C 203 -16.54 -4.38 3.48
N GLU C 204 -16.18 -5.51 2.87
CA GLU C 204 -14.81 -6.07 2.95
C GLU C 204 -13.86 -5.21 2.11
N ALA C 205 -14.39 -4.57 1.07
CA ALA C 205 -13.63 -3.57 0.33
C ALA C 205 -13.29 -2.29 1.14
N LEU C 206 -14.21 -1.84 1.98
CA LEU C 206 -13.90 -0.74 2.90
C LEU C 206 -12.73 -1.10 3.84
N ALA C 207 -12.79 -2.29 4.43
CA ALA C 207 -11.78 -2.73 5.39
C ALA C 207 -10.42 -2.81 4.75
N TRP C 208 -10.39 -3.24 3.48
CA TRP C 208 -9.14 -3.35 2.72
C TRP C 208 -8.50 -2.02 2.32
N GLY C 209 -9.25 -0.92 2.39
CA GLY C 209 -8.84 0.37 1.82
C GLY C 209 -9.15 0.55 0.35
N LEU C 210 -10.08 -0.22 -0.19
CA LEU C 210 -10.36 -0.16 -1.63
C LEU C 210 -11.38 0.89 -1.97
N VAL C 211 -12.24 1.29 -1.01
CA VAL C 211 -13.25 2.33 -1.26
C VAL C 211 -13.38 3.31 -0.11
N THR C 212 -13.99 4.43 -0.43
CA THR C 212 -14.01 5.54 0.45
C THR C 212 -15.09 5.36 1.53
N ALA C 213 -16.27 4.89 1.11
CA ALA C 213 -17.36 4.65 2.05
C ALA C 213 -18.41 3.68 1.54
N VAL C 214 -19.07 3.04 2.51
CA VAL C 214 -20.13 2.08 2.26
C VAL C 214 -21.38 2.63 2.93
N TYR C 215 -22.51 2.53 2.28
CA TYR C 215 -23.77 2.96 2.86
C TYR C 215 -24.80 1.86 2.70
N PRO C 216 -25.68 1.68 3.70
CA PRO C 216 -26.83 0.80 3.47
C PRO C 216 -27.58 1.18 2.19
N ALA C 217 -28.01 0.18 1.44
CA ALA C 217 -28.72 0.39 0.16
C ALA C 217 -29.81 1.45 0.24
N ASP C 218 -30.71 1.33 1.22
CA ASP C 218 -31.84 2.27 1.29
C ASP C 218 -31.39 3.74 1.56
N GLU C 219 -30.24 3.92 2.21
CA GLU C 219 -29.63 5.26 2.41
C GLU C 219 -28.62 5.72 1.32
N PHE C 220 -28.20 4.80 0.44
CA PHE C 220 -27.15 5.08 -0.57
C PHE C 220 -27.31 6.35 -1.41
N GLU C 221 -28.45 6.55 -2.05
CA GLU C 221 -28.59 7.71 -2.96
C GLU C 221 -28.47 9.03 -2.24
N ALA C 222 -29.07 9.14 -1.07
CA ALA C 222 -29.04 10.38 -0.30
C ALA C 222 -27.63 10.69 0.15
N GLU C 223 -26.90 9.65 0.56
CA GLU C 223 -25.54 9.83 1.03
C GLU C 223 -24.59 10.29 -0.08
N VAL C 224 -24.71 9.69 -1.25
CA VAL C 224 -23.92 10.11 -2.38
C VAL C 224 -24.12 11.60 -2.49
N ASP C 225 -25.38 12.03 -2.49
CA ASP C 225 -25.70 13.46 -2.67
C ASP C 225 -25.05 14.38 -1.67
N LYS C 226 -25.04 13.99 -0.41
CA LYS C 226 -24.29 14.76 0.61
C LYS C 226 -22.79 14.91 0.30
N VAL C 227 -22.16 13.82 -0.16
CA VAL C 227 -20.72 13.80 -0.45
C VAL C 227 -20.47 14.67 -1.67
N ILE C 228 -21.33 14.55 -2.67
CA ILE C 228 -21.25 15.45 -3.84
C ILE C 228 -21.35 16.92 -3.45
N ALA C 229 -22.30 17.25 -2.59
CA ALA C 229 -22.58 18.64 -2.23
C ALA C 229 -21.42 19.22 -1.42
N ARG C 230 -20.95 18.50 -0.41
CA ARG C 230 -19.76 18.88 0.38
C ARG C 230 -18.50 19.21 -0.47
N LEU C 231 -18.29 18.39 -1.51
CA LEU C 231 -17.26 18.64 -2.50
C LEU C 231 -17.58 19.85 -3.35
N LEU C 232 -18.85 20.01 -3.74
CA LEU C 232 -19.24 21.22 -4.46
C LEU C 232 -18.88 22.48 -3.65
N SER C 233 -19.06 22.38 -2.36
CA SER C 233 -18.92 23.53 -1.49
C SER C 233 -17.47 23.80 -1.17
N GLY C 234 -16.60 22.80 -1.38
CA GLY C 234 -15.18 22.94 -1.11
C GLY C 234 -14.43 23.88 -2.08
N PRO C 235 -13.19 24.22 -1.74
CA PRO C 235 -12.34 25.03 -2.62
C PRO C 235 -11.82 24.24 -3.82
N ALA C 236 -12.06 24.74 -5.03
CA ALA C 236 -11.85 23.96 -6.26
C ALA C 236 -10.37 23.79 -6.64
N VAL C 237 -9.56 24.80 -6.34
CA VAL C 237 -8.14 24.79 -6.73
C VAL C 237 -7.28 24.02 -5.70
N ALA C 238 -7.65 24.09 -4.42
CA ALA C 238 -6.95 23.31 -3.42
C ALA C 238 -7.21 21.82 -3.69
N PHE C 239 -8.48 21.51 -3.96
CA PHE C 239 -8.91 20.17 -4.37
C PHE C 239 -8.15 19.66 -5.59
N ALA C 240 -8.02 20.53 -6.61
CA ALA C 240 -7.39 20.14 -7.87
C ALA C 240 -5.94 19.75 -7.57
N LYS C 241 -5.23 20.65 -6.93
CA LYS C 241 -3.85 20.44 -6.61
C LYS C 241 -3.62 19.26 -5.65
N THR C 242 -4.53 19.12 -4.71
CA THR C 242 -4.50 18.00 -3.78
C THR C 242 -4.56 16.69 -4.53
N LYS C 243 -5.55 16.56 -5.41
CA LYS C 243 -5.75 15.42 -6.28
C LYS C 243 -4.49 15.04 -7.07
N LEU C 244 -3.89 16.03 -7.70
CA LEU C 244 -2.84 15.80 -8.62
C LEU C 244 -1.58 15.43 -7.89
N ALA C 245 -1.35 16.06 -6.76
CA ALA C 245 -0.21 15.73 -5.92
C ALA C 245 -0.24 14.28 -5.41
N ILE C 246 -1.41 13.80 -4.99
CA ILE C 246 -1.48 12.44 -4.48
C ILE C 246 -1.32 11.48 -5.65
N ASN C 247 -1.97 11.82 -6.77
CA ASN C 247 -1.87 11.00 -7.96
C ASN C 247 -0.44 10.87 -8.42
N ALA C 248 0.27 11.99 -8.42
CA ALA C 248 1.65 12.02 -8.87
C ALA C 248 2.56 11.23 -7.93
N ALA C 249 2.24 11.18 -6.66
CA ALA C 249 2.97 10.35 -5.71
C ALA C 249 2.64 8.83 -5.74
N THR C 250 1.39 8.49 -6.07
CA THR C 250 0.90 7.09 -6.05
C THR C 250 0.76 6.35 -7.38
N LEU C 251 0.74 7.09 -8.49
CA LEU C 251 0.43 6.55 -9.81
C LEU C 251 1.60 6.72 -10.78
N THR C 252 2.74 6.91 -10.20
CA THR C 252 4.01 6.86 -10.87
C THR C 252 4.07 5.68 -11.89
N GLU C 253 3.46 4.54 -11.60
CA GLU C 253 3.59 3.39 -12.49
C GLU C 253 2.35 3.15 -13.37
N LEU C 254 1.43 4.10 -13.38
CA LEU C 254 0.21 3.92 -14.12
C LEU C 254 0.48 3.84 -15.60
N ASP C 255 1.27 4.78 -16.11
CA ASP C 255 1.64 4.77 -17.54
C ASP C 255 2.38 3.49 -18.05
N PRO C 256 3.45 3.09 -17.37
CA PRO C 256 4.08 1.83 -17.71
C PRO C 256 3.10 0.66 -17.62
N ALA C 257 2.25 0.65 -16.62
CA ALA C 257 1.26 -0.39 -16.54
C ALA C 257 0.39 -0.40 -17.77
N LEU C 258 -0.11 0.75 -18.18
CA LEU C 258 -1.04 0.82 -19.31
C LEU C 258 -0.39 0.32 -20.57
N GLN C 259 0.89 0.57 -20.71
CA GLN C 259 1.64 0.09 -21.85
C GLN C 259 1.73 -1.42 -21.80
N ARG C 260 2.09 -1.97 -20.64
CA ARG C 260 2.30 -3.43 -20.52
C ARG C 260 1.03 -4.14 -20.80
N GLU C 261 -0.07 -3.57 -20.32
CA GLU C 261 -1.39 -4.16 -20.41
C GLU C 261 -1.83 -4.22 -21.87
N PHE C 262 -1.60 -3.14 -22.62
CA PHE C 262 -1.76 -3.11 -24.08
C PHE C 262 -0.99 -4.23 -24.83
N ASP C 263 0.32 -4.30 -24.65
CA ASP C 263 1.14 -5.39 -25.24
C ASP C 263 0.74 -6.79 -24.81
N GLY C 264 0.22 -6.92 -23.60
CA GLY C 264 -0.17 -8.22 -23.11
C GLY C 264 -1.55 -8.64 -23.53
N GLN C 265 -2.54 -7.73 -23.43
CA GLN C 265 -3.91 -8.06 -23.79
C GLN C 265 -4.02 -8.31 -25.26
N SER C 266 -3.35 -7.47 -26.07
CA SER C 266 -3.30 -7.64 -27.55
C SER C 266 -3.07 -9.11 -27.92
N VAL C 267 -2.11 -9.76 -27.27
CA VAL C 267 -1.82 -11.18 -27.46
C VAL C 267 -2.98 -12.07 -26.93
N LEU C 268 -3.47 -11.78 -25.74
CA LEU C 268 -4.45 -12.61 -25.08
C LEU C 268 -5.79 -12.56 -25.74
N LEU C 269 -6.17 -11.41 -26.27
CA LEU C 269 -7.47 -11.28 -26.92
C LEU C 269 -7.53 -12.11 -28.22
N LYS C 270 -6.42 -12.30 -28.91
CA LYS C 270 -6.39 -13.03 -30.19
C LYS C 270 -5.90 -14.45 -29.96
N SER C 271 -6.10 -14.97 -28.75
CA SER C 271 -5.65 -16.31 -28.38
C SER C 271 -6.83 -17.25 -28.14
N PRO C 272 -6.59 -18.58 -28.19
CA PRO C 272 -7.64 -19.57 -28.02
C PRO C 272 -8.27 -19.61 -26.62
N ASP C 273 -7.52 -19.24 -25.58
CA ASP C 273 -8.04 -19.23 -24.19
C ASP C 273 -9.13 -18.17 -24.01
N PHE C 274 -9.08 -17.06 -24.73
CA PHE C 274 -10.09 -15.99 -24.62
C PHE C 274 -11.46 -16.47 -25.13
N VAL C 275 -11.48 -17.01 -26.35
CA VAL C 275 -12.72 -17.58 -26.94
C VAL C 275 -13.29 -18.66 -26.00
N GLU C 276 -12.44 -19.58 -25.56
CA GLU C 276 -12.89 -20.56 -24.55
C GLU C 276 -13.52 -19.88 -23.32
N GLY C 277 -12.94 -18.78 -22.87
CA GLY C 277 -13.43 -18.14 -21.64
C GLY C 277 -14.74 -17.39 -21.81
N ALA C 278 -14.84 -16.64 -22.90
CA ALA C 278 -16.03 -15.82 -23.10
C ALA C 278 -17.18 -16.71 -23.45
N THR C 279 -16.91 -17.66 -24.34
CA THR C 279 -17.91 -18.65 -24.69
C THR C 279 -18.40 -19.33 -23.41
N ALA C 280 -17.47 -19.82 -22.61
CA ALA C 280 -17.83 -20.56 -21.40
C ALA C 280 -18.64 -19.70 -20.44
N PHE C 281 -18.31 -18.42 -20.36
CA PHE C 281 -19.11 -17.51 -19.55
C PHE C 281 -20.50 -17.30 -20.17
N GLN C 282 -20.56 -17.12 -21.49
CA GLN C 282 -21.85 -17.01 -22.22
C GLN C 282 -22.72 -18.24 -21.96
N GLN C 283 -22.08 -19.40 -21.93
CA GLN C 283 -22.76 -20.67 -21.76
C GLN C 283 -22.97 -20.99 -20.28
N ARG C 284 -22.63 -20.07 -19.37
CA ARG C 284 -22.64 -20.40 -17.92
C ARG C 284 -22.02 -21.78 -17.64
N ARG C 285 -20.76 -21.93 -18.05
CA ARG C 285 -20.10 -23.23 -18.11
C ARG C 285 -18.67 -23.06 -17.65
N THR C 286 -18.04 -24.11 -17.12
CA THR C 286 -16.62 -24.07 -16.73
C THR C 286 -15.73 -24.08 -17.98
N PRO C 287 -14.71 -23.19 -18.05
CA PRO C 287 -13.81 -23.21 -19.19
C PRO C 287 -12.80 -24.32 -19.08
N ASN C 288 -12.30 -24.76 -20.24
CA ASN C 288 -11.18 -25.69 -20.34
C ASN C 288 -10.00 -25.01 -21.07
N PHE C 289 -9.03 -24.50 -20.31
CA PHE C 289 -7.93 -23.76 -20.90
C PHE C 289 -6.80 -24.69 -21.33
N THR C 290 -6.03 -24.29 -22.36
CA THR C 290 -4.99 -25.17 -22.92
C THR C 290 -3.75 -24.45 -23.48
N ASP C 291 -3.72 -23.11 -23.45
CA ASP C 291 -2.66 -22.31 -24.10
C ASP C 291 -1.26 -22.48 -23.50
#